data_6QAV
#
_entry.id   6QAV
#
_cell.length_a   74.648
_cell.length_b   69.050
_cell.length_c   107.710
_cell.angle_alpha   90.00
_cell.angle_beta   97.93
_cell.angle_gamma   90.00
#
_symmetry.space_group_name_H-M   'P 1 21 1'
#
loop_
_entity.id
_entity.type
_entity.pdbx_description
1 polymer 'Serine/threonine-protein kinase ULK2'
2 non-polymer ~{N}-[3-[[5-cyclopropyl-2-[(2-methyl-3,4-dihydro-1~{H}-isoquinolin-6-yl)amino]pyrimidin-4-yl]amino]propyl]cyclobutanecarboxamide
3 non-polymer 1,2-ETHANEDIOL
4 non-polymer 'SODIUM ION'
5 non-polymer GLYCEROL
6 water water
#
_entity_poly.entity_id   1
_entity_poly.type   'polypeptide(L)'
_entity_poly.pdbx_seq_one_letter_code
;GGGSMEVVGDFEYSKRDLVGHGAFAVVFRGRHRQKTDWEVAIKSINKKNLSKSQILLGKEIKILKELQHENIVALYDVQE
LPNSVFLVMEYCNGGDLADYLQAKGTLSEDTIRVFLHQIAAAMRILHSKGIIHRDLKPQNILLSYANRRKSSVSGIRIKI
ADFGFARYLHSNMMAADLCGSPMYMAPEVIMSQHYDAKADLWSIGTVIYQCLVGKPPFQANSPQDLRMFYEKNRSLMPSI
PRETSPYLANLLLGLLQRNQKDRMDFEAFFSHPFLEQGPV
;
_entity_poly.pdbx_strand_id   A,B,C,D
#
loop_
_chem_comp.id
_chem_comp.type
_chem_comp.name
_chem_comp.formula
EDO non-polymer 1,2-ETHANEDIOL 'C2 H6 O2'
GOL non-polymer GLYCEROL 'C3 H8 O3'
HVH non-polymer ~{N}-[3-[[5-cyclopropyl-2-[(2-methyl-3,4-dihydro-1~{H}-isoquinolin-6-yl)amino]pyrimidin-4-yl]amino]propyl]cyclobutanecarboxamide 'C25 H34 N6 O'
NA non-polymer 'SODIUM ION' 'Na 1'
#
# COMPACT_ATOMS: atom_id res chain seq x y z
N SER A 4 54.63 14.52 -19.45
CA SER A 4 53.93 15.82 -19.20
C SER A 4 52.71 15.54 -18.31
N MET A 5 52.52 16.38 -17.29
CA MET A 5 51.49 16.20 -16.23
C MET A 5 50.55 17.38 -16.25
N GLU A 6 49.25 17.14 -16.07
CA GLU A 6 48.30 18.21 -15.84
C GLU A 6 48.36 18.63 -14.39
N VAL A 7 48.44 19.93 -14.13
CA VAL A 7 48.51 20.44 -12.76
C VAL A 7 47.08 20.83 -12.31
N VAL A 8 46.71 20.43 -11.10
CA VAL A 8 45.44 20.81 -10.47
C VAL A 8 45.73 21.22 -9.04
N GLY A 9 45.84 22.54 -8.83
CA GLY A 9 46.29 23.10 -7.57
C GLY A 9 47.62 22.50 -7.14
N ASP A 10 47.64 21.90 -5.93
CA ASP A 10 48.82 21.25 -5.34
C ASP A 10 49.00 19.82 -5.84
N PHE A 11 48.19 19.39 -6.82
CA PHE A 11 48.17 17.99 -7.30
C PHE A 11 48.44 17.98 -8.81
N GLU A 12 48.64 16.79 -9.36
CA GLU A 12 48.83 16.64 -10.79
C GLU A 12 48.43 15.23 -11.20
N TYR A 13 48.20 15.04 -12.50
CA TYR A 13 47.89 13.72 -13.03
C TYR A 13 48.34 13.63 -14.49
N SER A 14 48.52 12.41 -14.96
CA SER A 14 48.72 12.11 -16.33
C SER A 14 47.41 11.65 -16.97
N LYS A 15 47.16 12.15 -18.19
CA LYS A 15 45.96 11.82 -18.93
C LYS A 15 45.92 10.31 -19.24
N ARG A 16 47.05 9.61 -19.13
CA ARG A 16 47.11 8.17 -19.37
C ARG A 16 46.43 7.37 -18.24
N ASP A 17 46.29 7.95 -17.04
CA ASP A 17 45.91 7.19 -15.85
C ASP A 17 44.42 7.41 -15.54
N LEU A 18 43.57 7.29 -16.58
CA LEU A 18 42.10 7.39 -16.44
C LEU A 18 41.59 6.19 -15.64
N VAL A 19 40.77 6.41 -14.61
CA VAL A 19 40.23 5.27 -13.84
C VAL A 19 38.69 5.21 -13.93
N GLY A 20 38.03 6.27 -14.40
CA GLY A 20 36.62 6.22 -14.57
C GLY A 20 36.11 7.35 -15.42
N HIS A 21 34.90 7.17 -16.00
CA HIS A 21 34.26 8.25 -16.68
C HIS A 21 32.76 8.07 -16.65
N GLY A 22 32.06 9.18 -16.70
CA GLY A 22 30.63 9.24 -16.96
C GLY A 22 30.34 10.27 -18.02
N ALA A 23 29.07 10.57 -18.21
CA ALA A 23 28.68 11.43 -19.31
C ALA A 23 29.22 12.87 -19.10
N PHE A 24 29.45 13.31 -17.83
CA PHE A 24 29.83 14.67 -17.56
C PHE A 24 31.14 14.76 -16.72
N ALA A 25 31.86 13.64 -16.56
CA ALA A 25 32.99 13.62 -15.65
C ALA A 25 34.03 12.59 -16.09
N VAL A 26 35.31 12.89 -15.80
CA VAL A 26 36.39 11.96 -15.91
C VAL A 26 37.19 11.96 -14.61
N VAL A 27 37.71 10.79 -14.26
CA VAL A 27 38.44 10.62 -13.05
C VAL A 27 39.78 10.01 -13.40
N PHE A 28 40.87 10.60 -12.88
CA PHE A 28 42.24 10.15 -13.09
C PHE A 28 42.88 9.84 -11.75
N ARG A 29 43.74 8.82 -11.74
CA ARG A 29 44.73 8.67 -10.68
C ARG A 29 45.75 9.81 -10.83
N GLY A 30 46.01 10.53 -9.73
CA GLY A 30 47.07 11.51 -9.67
C GLY A 30 47.83 11.44 -8.37
N ARG A 31 48.55 12.53 -8.06
CA ARG A 31 49.41 12.60 -6.89
C ARG A 31 49.63 14.06 -6.48
N HIS A 32 49.99 14.26 -5.21
CA HIS A 32 50.46 15.55 -4.73
C HIS A 32 51.79 15.85 -5.44
N ARG A 33 51.97 17.11 -5.82
CA ARG A 33 53.12 17.52 -6.66
C ARG A 33 54.45 17.44 -5.88
N GLN A 34 54.40 17.66 -4.56
CA GLN A 34 55.57 17.56 -3.67
C GLN A 34 55.63 16.18 -3.02
N LYS A 35 54.57 15.78 -2.29
CA LYS A 35 54.48 14.44 -1.66
C LYS A 35 53.95 13.43 -2.69
N THR A 36 54.83 13.02 -3.61
CA THR A 36 54.47 12.31 -4.84
C THR A 36 54.08 10.86 -4.55
N ASP A 37 54.21 10.42 -3.28
CA ASP A 37 53.73 9.11 -2.82
C ASP A 37 52.27 9.19 -2.38
N TRP A 38 51.75 10.39 -2.20
CA TRP A 38 50.35 10.59 -1.85
C TRP A 38 49.51 10.58 -3.14
N GLU A 39 48.89 9.42 -3.41
CA GLU A 39 48.06 9.21 -4.56
C GLU A 39 46.66 9.77 -4.25
N VAL A 40 46.04 10.35 -5.27
CA VAL A 40 44.71 10.92 -5.14
C VAL A 40 43.92 10.58 -6.40
N ALA A 41 42.60 10.73 -6.33
CA ALA A 41 41.75 10.65 -7.50
C ALA A 41 41.31 12.06 -7.85
N ILE A 42 41.48 12.43 -9.12
CA ILE A 42 41.13 13.75 -9.57
C ILE A 42 40.01 13.66 -10.59
N LYS A 43 38.88 14.27 -10.23
CA LYS A 43 37.67 14.23 -11.02
C LYS A 43 37.45 15.62 -11.63
N SER A 44 37.25 15.66 -12.94
CA SER A 44 36.90 16.86 -13.68
C SER A 44 35.46 16.73 -14.19
N ILE A 45 34.60 17.64 -13.76
CA ILE A 45 33.20 17.69 -14.10
C ILE A 45 32.98 18.83 -15.11
N ASN A 46 32.39 18.49 -16.25
CA ASN A 46 32.09 19.44 -17.29
C ASN A 46 30.77 20.15 -16.98
N LYS A 47 30.86 21.29 -16.27
CA LYS A 47 29.69 22.08 -15.84
C LYS A 47 28.94 22.68 -17.05
N LYS A 48 29.68 23.02 -18.10
CA LYS A 48 29.11 23.64 -19.27
C LYS A 48 28.16 22.67 -19.97
N ASN A 49 28.63 21.44 -20.24
CA ASN A 49 27.83 20.43 -20.90
C ASN A 49 26.65 20.04 -20.02
N LEU A 50 26.90 19.91 -18.72
CA LEU A 50 25.85 19.59 -17.78
C LEU A 50 24.74 20.63 -17.87
N SER A 51 25.11 21.93 -17.97
CA SER A 51 24.12 23.02 -18.00
C SER A 51 23.19 22.92 -19.21
N LYS A 52 23.61 22.22 -20.26
CA LYS A 52 22.81 22.05 -21.45
C LYS A 52 21.94 20.79 -21.36
N SER A 53 22.05 20.04 -20.26
CA SER A 53 21.38 18.75 -20.17
C SER A 53 20.28 18.79 -19.10
N GLN A 54 19.38 17.82 -19.16
CA GLN A 54 18.25 17.73 -18.18
C GLN A 54 18.78 17.17 -16.84
N ILE A 55 20.01 16.65 -16.85
CA ILE A 55 20.56 16.01 -15.67
C ILE A 55 21.19 17.08 -14.76
N LEU A 56 20.86 17.05 -13.47
CA LEU A 56 21.21 18.12 -12.51
C LEU A 56 22.69 18.01 -12.09
N LEU A 57 23.26 19.14 -11.68
CA LEU A 57 24.64 19.26 -11.24
C LEU A 57 24.88 18.48 -9.93
N GLY A 58 23.95 18.57 -9.00
CA GLY A 58 24.09 17.82 -7.73
C GLY A 58 24.92 18.54 -6.69
N LYS A 59 25.24 17.83 -5.61
CA LYS A 59 25.83 18.44 -4.39
C LYS A 59 27.00 17.60 -3.90
N GLU A 60 27.76 17.01 -4.82
CA GLU A 60 28.82 16.06 -4.42
C GLU A 60 29.84 16.73 -3.48
N ILE A 61 30.22 17.96 -3.76
CA ILE A 61 31.19 18.68 -2.93
C ILE A 61 30.63 18.84 -1.52
N LYS A 62 29.42 19.38 -1.41
CA LYS A 62 28.86 19.64 -0.10
C LYS A 62 28.68 18.31 0.67
N ILE A 63 28.21 17.28 -0.03
CA ILE A 63 27.95 15.99 0.61
C ILE A 63 29.26 15.35 1.08
N LEU A 64 30.29 15.29 0.23
CA LEU A 64 31.56 14.69 0.63
C LEU A 64 32.22 15.55 1.71
N LYS A 65 32.11 16.88 1.62
CA LYS A 65 32.69 17.79 2.63
C LYS A 65 32.08 17.48 4.00
N GLU A 66 30.77 17.21 4.02
CA GLU A 66 30.01 17.02 5.25
C GLU A 66 30.28 15.65 5.87
N LEU A 67 30.58 14.66 5.05
CA LEU A 67 30.89 13.30 5.53
C LEU A 67 32.41 13.22 5.78
N GLN A 68 32.77 12.66 6.92
CA GLN A 68 34.08 12.19 7.14
C GLN A 68 33.91 10.81 7.73
N HIS A 69 34.12 9.80 6.88
CA HIS A 69 33.92 8.45 7.29
C HIS A 69 34.88 7.54 6.53
N GLU A 70 35.36 6.49 7.20
CA GLU A 70 36.37 5.62 6.61
C GLU A 70 35.82 4.81 5.43
N ASN A 71 34.50 4.68 5.28
CA ASN A 71 33.94 3.92 4.16
C ASN A 71 33.30 4.85 3.13
N ILE A 72 33.63 6.16 3.17
CA ILE A 72 33.27 7.09 2.12
C ILE A 72 34.52 7.86 1.65
N VAL A 73 34.73 7.95 0.34
CA VAL A 73 35.88 8.66 -0.20
C VAL A 73 35.96 10.07 0.40
N ALA A 74 37.16 10.40 0.89
CA ALA A 74 37.49 11.74 1.39
C ALA A 74 37.63 12.72 0.23
N LEU A 75 37.26 13.98 0.50
CA LEU A 75 37.51 15.10 -0.40
C LEU A 75 38.62 16.00 0.19
N TYR A 76 39.70 16.19 -0.56
CA TYR A 76 40.86 16.98 -0.07
C TYR A 76 40.80 18.43 -0.61
N ASP A 77 40.34 18.63 -1.83
CA ASP A 77 40.42 19.96 -2.41
C ASP A 77 39.47 20.07 -3.59
N VAL A 78 39.11 21.31 -3.91
CA VAL A 78 38.24 21.66 -5.00
C VAL A 78 38.90 22.82 -5.77
N GLN A 79 38.94 22.74 -7.11
CA GLN A 79 39.26 23.89 -7.91
C GLN A 79 38.16 24.14 -8.94
N GLU A 80 37.53 25.31 -8.81
CA GLU A 80 36.52 25.82 -9.70
C GLU A 80 37.15 26.53 -10.92
N LEU A 81 36.63 26.25 -12.12
CA LEU A 81 36.86 26.99 -13.33
C LEU A 81 35.51 27.47 -13.88
N PRO A 82 35.47 28.38 -14.90
CA PRO A 82 34.20 28.82 -15.44
C PRO A 82 33.37 27.65 -16.01
N ASN A 83 34.00 26.66 -16.64
CA ASN A 83 33.26 25.62 -17.39
C ASN A 83 33.41 24.22 -16.78
N SER A 84 34.21 24.13 -15.70
CA SER A 84 34.73 22.89 -15.11
C SER A 84 34.76 23.01 -13.58
N VAL A 85 34.76 21.88 -12.90
CA VAL A 85 35.21 21.87 -11.53
C VAL A 85 36.02 20.59 -11.30
N PHE A 86 37.12 20.72 -10.56
CA PHE A 86 37.95 19.62 -10.15
C PHE A 86 37.70 19.26 -8.67
N LEU A 87 37.52 17.98 -8.39
CA LEU A 87 37.49 17.47 -7.05
C LEU A 87 38.70 16.56 -6.88
N VAL A 88 39.47 16.80 -5.83
CA VAL A 88 40.62 16.00 -5.48
C VAL A 88 40.21 15.15 -4.28
N MET A 89 40.20 13.84 -4.48
CA MET A 89 39.61 12.92 -3.57
C MET A 89 40.58 11.80 -3.26
N GLU A 90 40.17 10.99 -2.27
CA GLU A 90 40.86 9.77 -1.87
C GLU A 90 40.94 8.79 -3.03
N TYR A 91 42.13 8.25 -3.24
CA TYR A 91 42.36 7.24 -4.26
C TYR A 91 42.23 5.84 -3.64
N CYS A 92 41.48 4.97 -4.31
CA CYS A 92 41.25 3.62 -3.88
C CYS A 92 42.08 2.71 -4.78
N ASN A 93 43.16 2.17 -4.22
CA ASN A 93 44.22 1.53 -5.03
C ASN A 93 43.79 0.13 -5.50
N GLY A 94 42.63 -0.37 -5.05
CA GLY A 94 42.18 -1.67 -5.43
C GLY A 94 41.20 -1.66 -6.61
N GLY A 95 40.79 -0.49 -7.09
CA GLY A 95 39.76 -0.46 -8.16
C GLY A 95 38.35 -0.63 -7.59
N ASP A 96 37.40 -1.07 -8.44
CA ASP A 96 36.02 -1.12 -8.03
C ASP A 96 35.60 -2.59 -7.80
N LEU A 97 34.41 -2.75 -7.24
CA LEU A 97 33.90 -4.07 -6.91
C LEU A 97 33.66 -4.87 -8.18
N ALA A 98 33.32 -4.21 -9.29
CA ALA A 98 33.17 -4.93 -10.58
C ALA A 98 34.49 -5.62 -10.97
N ASP A 99 35.61 -4.89 -10.87
CA ASP A 99 36.93 -5.45 -11.21
C ASP A 99 37.20 -6.68 -10.31
N TYR A 100 36.90 -6.55 -9.03
CA TYR A 100 37.11 -7.61 -8.08
C TYR A 100 36.27 -8.85 -8.44
N LEU A 101 35.00 -8.63 -8.82
CA LEU A 101 34.12 -9.76 -9.20
C LEU A 101 34.65 -10.41 -10.49
N GLN A 102 35.22 -9.61 -11.38
CA GLN A 102 35.76 -10.14 -12.63
CA GLN A 102 35.75 -10.14 -12.63
C GLN A 102 36.84 -11.18 -12.32
N ALA A 103 37.65 -10.90 -11.30
CA ALA A 103 38.76 -11.75 -10.92
C ALA A 103 38.24 -12.97 -10.13
N LYS A 104 37.27 -12.74 -9.24
CA LYS A 104 36.94 -13.73 -8.22
C LYS A 104 35.71 -14.56 -8.61
N GLY A 105 34.91 -14.07 -9.57
CA GLY A 105 33.76 -14.79 -10.09
C GLY A 105 32.52 -14.55 -9.23
N THR A 106 32.42 -15.32 -8.15
CA THR A 106 31.44 -15.08 -7.09
C THR A 106 32.20 -15.11 -5.76
N LEU A 107 31.62 -14.49 -4.75
CA LEU A 107 32.30 -14.37 -3.44
C LEU A 107 31.61 -15.30 -2.44
N SER A 108 32.37 -15.75 -1.45
CA SER A 108 31.81 -16.47 -0.33
C SER A 108 30.82 -15.56 0.41
N GLU A 109 29.93 -16.18 1.17
CA GLU A 109 29.02 -15.49 2.02
C GLU A 109 29.82 -14.71 3.08
N ASP A 110 30.92 -15.30 3.55
CA ASP A 110 31.73 -14.65 4.60
C ASP A 110 32.38 -13.37 4.05
N THR A 111 32.83 -13.41 2.79
CA THR A 111 33.39 -12.22 2.13
C THR A 111 32.29 -11.18 1.95
N ILE A 112 31.12 -11.63 1.47
CA ILE A 112 30.00 -10.76 1.29
C ILE A 112 29.68 -10.06 2.62
N ARG A 113 29.73 -10.81 3.71
CA ARG A 113 29.41 -10.25 5.00
C ARG A 113 30.41 -9.15 5.38
N VAL A 114 31.69 -9.44 5.19
CA VAL A 114 32.78 -8.48 5.52
C VAL A 114 32.57 -7.17 4.74
N PHE A 115 32.37 -7.28 3.42
CA PHE A 115 32.10 -6.10 2.60
C PHE A 115 30.84 -5.38 3.07
N LEU A 116 29.77 -6.15 3.33
CA LEU A 116 28.50 -5.58 3.59
C LEU A 116 28.50 -4.81 4.92
N HIS A 117 29.28 -5.27 5.89
CA HIS A 117 29.43 -4.58 7.14
C HIS A 117 29.93 -3.14 6.91
N GLN A 118 30.87 -3.00 5.97
CA GLN A 118 31.49 -1.70 5.67
C GLN A 118 30.49 -0.85 4.88
N ILE A 119 29.77 -1.47 3.93
CA ILE A 119 28.78 -0.75 3.18
C ILE A 119 27.71 -0.22 4.14
N ALA A 120 27.34 -1.07 5.13
CA ALA A 120 26.33 -0.72 6.11
C ALA A 120 26.79 0.50 6.92
N ALA A 121 28.06 0.50 7.32
CA ALA A 121 28.62 1.60 8.10
C ALA A 121 28.49 2.92 7.31
N ALA A 122 28.81 2.88 6.01
CA ALA A 122 28.63 4.05 5.15
C ALA A 122 27.14 4.44 5.11
N MET A 123 26.26 3.45 4.96
CA MET A 123 24.84 3.73 4.80
C MET A 123 24.29 4.35 6.10
N ARG A 124 24.83 3.93 7.25
CA ARG A 124 24.49 4.51 8.56
C ARG A 124 24.74 6.04 8.56
N ILE A 125 25.93 6.49 8.11
CA ILE A 125 26.24 7.93 8.13
C ILE A 125 25.32 8.66 7.15
N LEU A 126 25.12 8.10 5.96
CA LEU A 126 24.24 8.72 4.97
C LEU A 126 22.82 8.87 5.56
N HIS A 127 22.37 7.82 6.25
CA HIS A 127 21.02 7.76 6.83
C HIS A 127 20.85 8.82 7.91
N SER A 128 21.84 8.93 8.80
CA SER A 128 21.81 9.94 9.84
C SER A 128 21.73 11.36 9.25
N LYS A 129 22.28 11.60 8.06
CA LYS A 129 22.35 12.94 7.48
C LYS A 129 21.20 13.19 6.50
N GLY A 130 20.35 12.19 6.25
CA GLY A 130 19.26 12.33 5.33
C GLY A 130 19.72 12.41 3.88
N ILE A 131 20.78 11.66 3.56
CA ILE A 131 21.34 11.64 2.20
C ILE A 131 21.09 10.27 1.61
N ILE A 132 20.62 10.22 0.37
CA ILE A 132 20.49 9.01 -0.39
C ILE A 132 21.38 9.14 -1.63
N HIS A 133 22.10 8.06 -1.92
CA HIS A 133 23.12 8.01 -2.96
C HIS A 133 22.45 7.90 -4.33
N ARG A 134 21.54 6.94 -4.45
CA ARG A 134 20.58 6.70 -5.52
C ARG A 134 21.21 6.01 -6.73
N ASP A 135 22.54 5.80 -6.73
CA ASP A 135 23.21 5.16 -7.87
C ASP A 135 24.30 4.20 -7.40
N LEU A 136 24.06 3.51 -6.29
CA LEU A 136 25.02 2.53 -5.80
C LEU A 136 25.12 1.40 -6.80
N LYS A 137 26.35 0.94 -7.05
CA LYS A 137 26.57 -0.13 -7.99
C LYS A 137 28.00 -0.63 -7.87
N PRO A 138 28.36 -1.78 -8.48
CA PRO A 138 29.72 -2.31 -8.34
C PRO A 138 30.80 -1.31 -8.80
N GLN A 139 30.44 -0.40 -9.72
CA GLN A 139 31.41 0.52 -10.34
C GLN A 139 31.74 1.69 -9.41
N ASN A 140 30.95 1.94 -8.34
CA ASN A 140 31.27 3.01 -7.40
C ASN A 140 31.36 2.52 -5.94
N ILE A 141 31.47 1.20 -5.78
CA ILE A 141 31.86 0.60 -4.52
C ILE A 141 33.32 0.17 -4.70
N LEU A 142 34.23 0.92 -4.07
CA LEU A 142 35.64 0.85 -4.36
C LEU A 142 36.37 0.12 -3.24
N LEU A 143 37.51 -0.48 -3.62
CA LEU A 143 38.39 -1.24 -2.74
C LEU A 143 39.70 -0.45 -2.53
N SER A 144 40.12 -0.38 -1.26
CA SER A 144 41.31 0.27 -0.86
C SER A 144 42.14 -0.67 0.04
N TYR A 145 43.40 -0.89 -0.34
CA TYR A 145 44.36 -1.66 0.48
C TYR A 145 45.29 -0.69 1.20
N ALA A 146 45.19 -0.59 2.53
CA ALA A 146 45.99 0.42 3.30
C ALA A 146 47.46 -0.03 3.30
N ASN A 147 47.65 -1.34 3.19
CA ASN A 147 48.92 -1.97 3.04
C ASN A 147 48.82 -2.95 1.87
N ARG A 148 49.47 -2.61 0.76
CA ARG A 148 49.34 -3.34 -0.51
C ARG A 148 49.95 -4.75 -0.39
N ARG A 149 50.81 -4.97 0.62
CA ARG A 149 51.31 -6.29 1.00
C ARG A 149 50.19 -7.17 1.59
N LYS A 150 49.34 -6.62 2.48
CA LYS A 150 48.15 -7.35 3.07
C LYS A 150 46.96 -7.26 2.11
N SER A 151 46.91 -8.18 1.13
CA SER A 151 45.92 -8.13 0.05
C SER A 151 44.92 -9.30 0.14
N SER A 152 44.80 -9.93 1.31
CA SER A 152 43.67 -10.81 1.56
C SER A 152 42.41 -9.96 1.87
N VAL A 153 41.27 -10.63 2.04
CA VAL A 153 39.95 -9.99 2.24
C VAL A 153 40.02 -9.04 3.44
N SER A 154 40.74 -9.45 4.49
CA SER A 154 40.85 -8.67 5.75
C SER A 154 41.64 -7.38 5.54
N GLY A 155 42.44 -7.31 4.46
CA GLY A 155 43.19 -6.08 4.10
C GLY A 155 42.34 -5.08 3.28
N ILE A 156 41.10 -5.45 2.90
CA ILE A 156 40.29 -4.61 2.03
C ILE A 156 39.46 -3.64 2.86
N ARG A 157 39.56 -2.34 2.56
CA ARG A 157 38.61 -1.37 3.04
C ARG A 157 37.71 -0.89 1.88
N ILE A 158 36.40 -0.92 2.11
CA ILE A 158 35.42 -0.55 1.10
C ILE A 158 35.12 0.94 1.24
N LYS A 159 35.01 1.64 0.10
CA LYS A 159 34.71 3.09 0.11
C LYS A 159 33.69 3.36 -0.98
N ILE A 160 32.63 4.04 -0.58
CA ILE A 160 31.61 4.44 -1.48
C ILE A 160 32.06 5.75 -2.15
N ALA A 161 31.79 5.85 -3.44
CA ALA A 161 32.17 6.98 -4.26
C ALA A 161 31.01 7.40 -5.17
N ASP A 162 31.28 8.50 -5.90
CA ASP A 162 30.44 9.10 -6.93
C ASP A 162 29.05 9.49 -6.40
N PHE A 163 28.98 10.63 -5.73
CA PHE A 163 27.80 11.14 -5.11
C PHE A 163 27.13 12.23 -5.96
N GLY A 164 27.36 12.24 -7.27
CA GLY A 164 26.80 13.28 -8.14
C GLY A 164 25.30 13.14 -8.35
N PHE A 165 24.75 11.95 -8.07
CA PHE A 165 23.34 11.69 -8.21
C PHE A 165 22.66 11.68 -6.82
N ALA A 166 23.44 11.89 -5.75
CA ALA A 166 22.92 11.86 -4.42
C ALA A 166 22.07 13.10 -4.13
N ARG A 167 21.13 12.97 -3.19
CA ARG A 167 20.19 14.01 -2.85
C ARG A 167 19.95 14.01 -1.35
N TYR A 168 19.58 15.19 -0.84
CA TYR A 168 19.12 15.36 0.52
C TYR A 168 17.61 15.14 0.55
N LEU A 169 17.15 14.29 1.45
CA LEU A 169 15.70 14.03 1.62
C LEU A 169 14.97 15.32 2.05
N HIS A 170 15.62 16.23 2.78
CA HIS A 170 14.94 17.41 3.36
C HIS A 170 15.01 18.63 2.41
N SER A 171 15.57 18.48 1.20
CA SER A 171 15.77 19.65 0.33
C SER A 171 14.42 20.30 -0.06
N ASN A 172 13.39 19.50 -0.38
CA ASN A 172 12.09 20.07 -0.77
C ASN A 172 11.45 20.82 0.40
N MET A 173 11.55 20.27 1.61
CA MET A 173 11.05 20.94 2.80
C MET A 173 11.85 22.23 3.05
N MET A 174 13.16 22.21 2.77
CA MET A 174 13.99 23.43 2.91
C MET A 174 13.58 24.50 1.86
N ALA A 175 13.35 24.08 0.62
CA ALA A 175 12.85 24.98 -0.44
C ALA A 175 11.57 25.68 0.02
N ALA A 176 10.62 24.92 0.57
CA ALA A 176 9.31 25.43 1.02
C ALA A 176 9.51 26.48 2.13
N ASP A 177 10.40 26.20 3.08
CA ASP A 177 10.75 27.12 4.18
C ASP A 177 11.27 28.46 3.62
N LEU A 178 12.02 28.40 2.52
CA LEU A 178 12.70 29.58 1.93
C LEU A 178 11.81 30.30 0.90
N CYS A 179 10.82 29.61 0.32
CA CYS A 179 10.01 30.14 -0.81
C CYS A 179 9.03 31.23 -0.35
N GLY A 180 8.82 31.39 0.96
CA GLY A 180 7.69 32.13 1.50
C GLY A 180 6.50 31.19 1.69
N SER A 181 5.40 31.48 0.99
CA SER A 181 4.14 30.73 1.11
C SER A 181 4.27 29.36 0.43
N PRO A 182 4.14 28.24 1.21
CA PRO A 182 4.15 26.90 0.66
C PRO A 182 2.73 26.40 0.33
N MET A 183 1.75 27.29 0.35
CA MET A 183 0.34 26.93 0.35
C MET A 183 -0.14 26.52 -1.06
N TYR A 184 0.77 26.56 -2.05
CA TYR A 184 0.45 26.31 -3.44
C TYR A 184 1.17 25.06 -3.92
N MET A 185 2.13 24.60 -3.14
CA MET A 185 2.99 23.51 -3.52
C MET A 185 2.18 22.20 -3.45
N ALA A 186 2.47 21.25 -4.33
CA ALA A 186 1.74 19.95 -4.33
C ALA A 186 2.07 19.15 -3.06
N PRO A 187 1.07 18.47 -2.45
CA PRO A 187 1.34 17.63 -1.27
C PRO A 187 2.53 16.67 -1.46
N GLU A 188 2.60 16.00 -2.63
CA GLU A 188 3.64 15.03 -2.90
C GLU A 188 5.02 15.72 -3.01
N VAL A 189 5.06 17.04 -3.23
CA VAL A 189 6.32 17.77 -3.27
C VAL A 189 6.77 18.05 -1.82
N ILE A 190 5.86 18.61 -1.02
CA ILE A 190 6.05 18.88 0.40
C ILE A 190 6.50 17.61 1.17
N MET A 191 6.04 16.44 0.76
CA MET A 191 6.16 15.16 1.56
C MET A 191 7.21 14.19 0.92
N SER A 192 8.00 14.69 -0.04
CA SER A 192 8.76 13.80 -0.98
C SER A 192 9.87 13.03 -0.27
N GLN A 193 10.36 13.59 0.85
CA GLN A 193 11.28 12.91 1.79
C GLN A 193 10.95 11.41 1.89
N HIS A 194 9.65 11.08 1.86
CA HIS A 194 9.14 9.77 2.22
C HIS A 194 8.89 8.89 0.98
N TYR A 195 9.67 9.03 -0.10
CA TYR A 195 9.31 8.36 -1.36
C TYR A 195 10.42 7.41 -1.82
N ASP A 196 11.63 7.98 -1.92
CA ASP A 196 12.79 7.25 -2.40
C ASP A 196 13.77 7.02 -1.24
N ALA A 197 13.30 7.18 0.00
CA ALA A 197 14.15 7.12 1.18
C ALA A 197 14.92 5.79 1.26
N LYS A 198 14.44 4.72 0.60
CA LYS A 198 15.04 3.36 0.69
C LYS A 198 15.62 2.91 -0.65
N ALA A 199 15.84 3.84 -1.57
CA ALA A 199 16.41 3.47 -2.88
C ALA A 199 17.74 2.70 -2.74
N ASP A 200 18.59 3.13 -1.79
CA ASP A 200 19.92 2.53 -1.66
C ASP A 200 19.84 1.08 -1.18
N LEU A 201 18.79 0.76 -0.40
CA LEU A 201 18.61 -0.60 0.10
C LEU A 201 18.34 -1.56 -1.05
N TRP A 202 17.55 -1.13 -2.05
CA TRP A 202 17.35 -1.97 -3.24
C TRP A 202 18.69 -2.19 -3.93
N SER A 203 19.42 -1.08 -4.20
CA SER A 203 20.67 -1.18 -4.90
C SER A 203 21.58 -2.22 -4.19
N ILE A 204 21.70 -2.11 -2.86
CA ILE A 204 22.64 -2.94 -2.10
C ILE A 204 22.20 -4.39 -2.26
N GLY A 205 20.86 -4.60 -2.28
CA GLY A 205 20.31 -5.87 -2.61
C GLY A 205 20.87 -6.43 -3.91
N THR A 206 20.81 -5.64 -4.97
CA THR A 206 21.23 -6.11 -6.30
C THR A 206 22.74 -6.40 -6.31
N VAL A 207 23.52 -5.62 -5.55
CA VAL A 207 24.96 -5.78 -5.53
C VAL A 207 25.32 -7.08 -4.81
N ILE A 208 24.69 -7.31 -3.65
CA ILE A 208 24.93 -8.52 -2.87
C ILE A 208 24.58 -9.73 -3.76
N TYR A 209 23.42 -9.65 -4.42
CA TYR A 209 22.96 -10.72 -5.31
C TYR A 209 24.06 -11.01 -6.34
N GLN A 210 24.58 -9.96 -6.98
CA GLN A 210 25.56 -10.17 -8.00
C GLN A 210 26.83 -10.78 -7.40
N CYS A 211 27.26 -10.33 -6.22
CA CYS A 211 28.39 -10.94 -5.55
C CYS A 211 28.18 -12.46 -5.37
N LEU A 212 26.96 -12.86 -4.99
CA LEU A 212 26.64 -14.26 -4.62
C LEU A 212 26.49 -15.13 -5.87
N VAL A 213 25.83 -14.61 -6.90
CA VAL A 213 25.35 -15.40 -8.04
C VAL A 213 26.20 -15.17 -9.29
N GLY A 214 26.77 -13.97 -9.44
CA GLY A 214 27.70 -13.68 -10.52
C GLY A 214 27.07 -12.91 -11.67
N LYS A 215 25.77 -12.60 -11.54
CA LYS A 215 25.08 -11.67 -12.41
C LYS A 215 24.10 -10.87 -11.56
N PRO A 216 23.57 -9.75 -12.10
CA PRO A 216 22.49 -9.00 -11.44
C PRO A 216 21.22 -9.84 -11.36
N PRO A 217 20.30 -9.56 -10.42
CA PRO A 217 19.07 -10.36 -10.33
C PRO A 217 18.11 -10.20 -11.53
N PHE A 218 18.18 -9.08 -12.23
CA PHE A 218 17.26 -8.77 -13.32
C PHE A 218 18.03 -8.15 -14.48
N GLN A 219 18.11 -8.85 -15.62
CA GLN A 219 18.86 -8.36 -16.80
C GLN A 219 17.87 -7.99 -17.92
N ALA A 220 18.26 -7.05 -18.79
CA ALA A 220 17.51 -6.75 -20.04
C ALA A 220 18.45 -6.17 -21.11
N ASN A 221 17.98 -6.13 -22.37
CA ASN A 221 18.78 -5.72 -23.56
C ASN A 221 19.32 -4.28 -23.40
N SER A 222 18.43 -3.40 -22.97
CA SER A 222 18.69 -1.98 -22.83
C SER A 222 18.04 -1.45 -21.55
N PRO A 223 18.42 -0.23 -21.09
CA PRO A 223 17.69 0.47 -20.04
C PRO A 223 16.15 0.61 -20.23
N GLN A 224 15.67 0.81 -21.46
CA GLN A 224 14.22 0.97 -21.73
C GLN A 224 13.51 -0.38 -21.50
N ASP A 225 14.20 -1.46 -21.86
CA ASP A 225 13.68 -2.82 -21.74
C ASP A 225 13.57 -3.19 -20.25
N LEU A 226 14.55 -2.80 -19.43
CA LEU A 226 14.53 -3.07 -17.98
C LEU A 226 13.41 -2.24 -17.32
N ARG A 227 13.25 -0.99 -17.77
CA ARG A 227 12.20 -0.12 -17.28
C ARG A 227 10.85 -0.78 -17.59
N MET A 228 10.70 -1.33 -18.81
CA MET A 228 9.45 -2.01 -19.27
C MET A 228 9.15 -3.18 -18.32
N PHE A 229 10.20 -3.94 -17.99
CA PHE A 229 10.14 -5.13 -17.15
C PHE A 229 9.57 -4.78 -15.76
N TYR A 230 10.19 -3.79 -15.11
CA TYR A 230 9.81 -3.36 -13.75
C TYR A 230 8.36 -2.86 -13.76
N GLU A 231 8.00 -2.14 -14.84
CA GLU A 231 6.65 -1.60 -15.01
C GLU A 231 5.62 -2.74 -15.17
N LYS A 232 5.95 -3.74 -16.02
CA LYS A 232 5.01 -4.84 -16.41
C LYS A 232 4.95 -5.96 -15.34
N ASN A 233 5.96 -6.07 -14.48
CA ASN A 233 5.96 -7.05 -13.37
C ASN A 233 5.95 -6.31 -12.03
N ARG A 234 4.81 -6.33 -11.32
CA ARG A 234 4.59 -5.48 -10.13
C ARG A 234 4.94 -6.25 -8.85
N SER A 235 5.14 -7.57 -8.97
CA SER A 235 5.65 -8.40 -7.91
C SER A 235 6.85 -9.18 -8.42
N LEU A 236 8.05 -8.62 -8.20
CA LEU A 236 9.29 -9.19 -8.67
C LEU A 236 9.80 -10.19 -7.62
N MET A 237 9.96 -11.44 -8.06
CA MET A 237 10.61 -12.50 -7.31
C MET A 237 12.04 -12.66 -7.84
N PRO A 238 13.10 -12.28 -7.08
CA PRO A 238 14.47 -12.64 -7.45
C PRO A 238 14.67 -14.16 -7.39
N SER A 239 15.44 -14.69 -8.34
CA SER A 239 15.81 -16.08 -8.33
C SER A 239 16.98 -16.32 -7.39
N ILE A 240 16.72 -16.80 -6.16
CA ILE A 240 17.78 -17.00 -5.13
C ILE A 240 18.26 -18.45 -5.14
N PRO A 241 19.58 -18.74 -5.27
CA PRO A 241 20.05 -20.11 -5.27
C PRO A 241 19.66 -20.83 -3.97
N ARG A 242 19.22 -22.09 -4.09
CA ARG A 242 18.66 -22.83 -2.95
C ARG A 242 19.74 -23.07 -1.89
N GLU A 243 21.01 -23.07 -2.28
CA GLU A 243 22.13 -23.27 -1.34
C GLU A 243 22.44 -21.97 -0.57
N THR A 244 21.80 -20.85 -0.89
CA THR A 244 22.01 -19.60 -0.11
C THR A 244 21.69 -19.85 1.39
N SER A 245 22.51 -19.33 2.31
CA SER A 245 22.24 -19.49 3.74
C SER A 245 20.87 -18.90 4.06
N PRO A 246 20.20 -19.36 5.14
CA PRO A 246 18.90 -18.82 5.52
C PRO A 246 18.87 -17.29 5.71
N TYR A 247 19.87 -16.76 6.40
CA TYR A 247 19.86 -15.32 6.70
C TYR A 247 20.14 -14.50 5.43
N LEU A 248 21.02 -14.96 4.54
CA LEU A 248 21.33 -14.17 3.34
C LEU A 248 20.14 -14.20 2.40
N ALA A 249 19.46 -15.35 2.31
CA ALA A 249 18.25 -15.48 1.48
C ALA A 249 17.22 -14.47 1.98
N ASN A 250 16.99 -14.49 3.30
CA ASN A 250 16.06 -13.60 3.96
C ASN A 250 16.44 -12.12 3.69
N LEU A 251 17.70 -11.79 3.85
CA LEU A 251 18.17 -10.38 3.61
C LEU A 251 17.92 -9.92 2.16
N LEU A 252 18.23 -10.78 1.19
CA LEU A 252 18.00 -10.49 -0.21
C LEU A 252 16.50 -10.31 -0.50
N LEU A 253 15.64 -11.16 0.07
CA LEU A 253 14.21 -11.08 -0.22
C LEU A 253 13.65 -9.76 0.32
N GLY A 254 14.13 -9.32 1.48
CA GLY A 254 13.67 -8.09 2.12
C GLY A 254 14.21 -6.82 1.45
N LEU A 255 15.42 -6.90 0.86
CA LEU A 255 15.99 -5.75 0.12
C LEU A 255 15.36 -5.65 -1.27
N LEU A 256 15.18 -6.79 -1.96
CA LEU A 256 14.73 -6.80 -3.36
C LEU A 256 13.20 -6.89 -3.45
N GLN A 257 12.53 -5.97 -2.74
CA GLN A 257 11.10 -5.71 -2.84
C GLN A 257 10.91 -4.52 -3.79
N ARG A 258 10.21 -4.78 -4.89
CA ARG A 258 9.89 -3.80 -5.91
C ARG A 258 9.26 -2.57 -5.27
N ASN A 259 8.36 -2.76 -4.29
CA ASN A 259 7.62 -1.65 -3.71
C ASN A 259 8.29 -1.18 -2.43
N GLN A 260 8.56 0.13 -2.34
CA GLN A 260 9.20 0.80 -1.17
C GLN A 260 8.58 0.33 0.13
N LYS A 261 7.25 0.32 0.17
CA LYS A 261 6.53 0.13 1.41
C LYS A 261 6.75 -1.27 1.96
N ASP A 262 7.06 -2.24 1.08
CA ASP A 262 7.29 -3.61 1.48
C ASP A 262 8.77 -3.87 1.79
N ARG A 263 9.65 -2.97 1.33
CA ARG A 263 11.07 -3.17 1.45
C ARG A 263 11.45 -3.03 2.94
N MET A 264 12.43 -3.82 3.32
CA MET A 264 13.11 -3.70 4.58
C MET A 264 13.50 -2.22 4.88
N ASP A 265 13.27 -1.83 6.14
CA ASP A 265 13.66 -0.55 6.78
C ASP A 265 15.19 -0.52 6.96
N PHE A 266 15.74 0.67 7.20
CA PHE A 266 17.17 0.80 7.51
C PHE A 266 17.50 0.14 8.85
N GLU A 267 16.65 0.34 9.86
CA GLU A 267 16.94 -0.21 11.22
C GLU A 267 16.98 -1.72 11.16
N ALA A 268 16.10 -2.31 10.35
CA ALA A 268 16.03 -3.76 10.13
C ALA A 268 17.26 -4.24 9.35
N PHE A 269 17.70 -3.45 8.36
CA PHE A 269 18.90 -3.76 7.59
C PHE A 269 20.12 -3.79 8.51
N PHE A 270 20.32 -2.71 9.29
CA PHE A 270 21.51 -2.59 10.14
C PHE A 270 21.50 -3.68 11.24
N SER A 271 20.31 -4.11 11.68
CA SER A 271 20.15 -5.13 12.74
C SER A 271 20.08 -6.55 12.16
N HIS A 272 20.07 -6.71 10.83
CA HIS A 272 19.71 -8.00 10.28
C HIS A 272 20.70 -9.05 10.78
N PRO A 273 20.22 -10.26 11.14
CA PRO A 273 21.09 -11.32 11.65
C PRO A 273 22.24 -11.72 10.71
N PHE A 274 22.08 -11.56 9.40
CA PHE A 274 23.22 -11.83 8.47
C PHE A 274 24.44 -10.97 8.88
N LEU A 275 24.17 -9.73 9.33
CA LEU A 275 25.21 -8.76 9.68
C LEU A 275 25.69 -8.96 11.13
N GLU A 276 24.81 -9.43 12.01
CA GLU A 276 25.13 -9.64 13.45
C GLU A 276 26.10 -10.81 13.60
N SER B 4 24.60 55.60 -10.80
CA SER B 4 23.11 55.42 -10.94
C SER B 4 22.77 53.96 -11.26
N MET B 5 23.32 53.42 -12.37
CA MET B 5 22.75 52.20 -13.03
C MET B 5 23.80 51.09 -13.08
N GLU B 6 23.40 49.87 -12.73
CA GLU B 6 24.22 48.70 -12.96
C GLU B 6 24.10 48.27 -14.42
N VAL B 7 25.21 47.90 -15.03
CA VAL B 7 25.23 47.48 -16.41
C VAL B 7 25.27 45.94 -16.44
N VAL B 8 24.45 45.35 -17.32
CA VAL B 8 24.47 43.94 -17.61
C VAL B 8 24.39 43.80 -19.13
N GLY B 9 25.54 43.58 -19.76
CA GLY B 9 25.65 43.55 -21.21
C GLY B 9 25.04 44.76 -21.86
N ASP B 10 24.04 44.54 -22.74
CA ASP B 10 23.35 45.65 -23.47
C ASP B 10 22.25 46.30 -22.62
N PHE B 11 22.12 45.92 -21.34
CA PHE B 11 21.03 46.36 -20.47
C PHE B 11 21.58 47.01 -19.21
N GLU B 12 20.68 47.61 -18.44
CA GLU B 12 21.03 48.23 -17.20
C GLU B 12 19.83 48.24 -16.26
N TYR B 13 20.09 48.41 -14.97
CA TYR B 13 19.01 48.51 -13.98
C TYR B 13 19.50 49.32 -12.79
N SER B 14 18.57 49.86 -12.03
CA SER B 14 18.87 50.46 -10.74
C SER B 14 18.53 49.47 -9.63
N LYS B 15 19.39 49.38 -8.62
CA LYS B 15 19.17 48.49 -7.49
C LYS B 15 17.90 48.87 -6.73
N ARG B 16 17.39 50.07 -6.95
CA ARG B 16 16.16 50.53 -6.30
C ARG B 16 14.90 49.90 -6.91
N ASP B 17 14.98 49.34 -8.12
CA ASP B 17 13.79 48.90 -8.87
C ASP B 17 13.61 47.38 -8.74
N LEU B 18 13.67 46.92 -7.49
CA LEU B 18 13.40 45.51 -7.11
C LEU B 18 11.96 45.13 -7.43
N VAL B 19 11.72 44.01 -8.12
CA VAL B 19 10.33 43.56 -8.36
C VAL B 19 10.09 42.16 -7.76
N GLY B 20 11.13 41.49 -7.27
CA GLY B 20 10.94 40.26 -6.56
C GLY B 20 12.24 39.71 -6.05
N HIS B 21 12.13 38.77 -5.11
CA HIS B 21 13.27 38.15 -4.51
C HIS B 21 12.87 36.79 -3.97
N GLY B 22 13.85 35.89 -3.89
CA GLY B 22 13.72 34.62 -3.26
C GLY B 22 14.99 34.30 -2.50
N ALA B 23 15.21 33.02 -2.24
CA ALA B 23 16.20 32.59 -1.28
C ALA B 23 17.62 32.95 -1.76
N PHE B 24 17.90 32.77 -3.05
CA PHE B 24 19.23 32.98 -3.62
C PHE B 24 19.15 33.88 -4.87
N ALA B 25 18.04 34.64 -5.03
CA ALA B 25 17.85 35.41 -6.25
C ALA B 25 17.11 36.73 -5.97
N VAL B 26 17.45 37.76 -6.76
CA VAL B 26 16.75 39.01 -6.81
C VAL B 26 16.44 39.36 -8.26
N VAL B 27 15.32 40.05 -8.49
CA VAL B 27 14.93 40.47 -9.81
C VAL B 27 14.67 41.97 -9.75
N PHE B 28 15.22 42.67 -10.76
CA PHE B 28 15.03 44.11 -10.95
C PHE B 28 14.37 44.40 -12.30
N ARG B 29 13.54 45.44 -12.32
CA ARG B 29 13.16 46.07 -13.56
C ARG B 29 14.38 46.81 -14.10
N GLY B 30 14.69 46.58 -15.37
CA GLY B 30 15.75 47.26 -16.08
C GLY B 30 15.31 47.65 -17.48
N ARG B 31 16.27 48.02 -18.30
CA ARG B 31 16.02 48.50 -19.66
C ARG B 31 17.26 48.33 -20.51
N HIS B 32 17.05 48.27 -21.82
CA HIS B 32 18.13 48.33 -22.80
C HIS B 32 18.80 49.73 -22.67
N ARG B 33 20.13 49.75 -22.77
CA ARG B 33 20.93 50.93 -22.52
C ARG B 33 20.73 51.98 -23.64
N GLN B 34 20.45 51.54 -24.87
CA GLN B 34 20.15 52.44 -25.99
C GLN B 34 18.63 52.62 -26.15
N LYS B 35 17.91 51.52 -26.37
CA LYS B 35 16.44 51.55 -26.53
C LYS B 35 15.79 51.50 -25.15
N THR B 36 15.80 52.65 -24.46
CA THR B 36 15.51 52.74 -23.02
C THR B 36 14.02 52.54 -22.73
N ASP B 37 13.20 52.43 -23.79
CA ASP B 37 11.77 52.12 -23.68
CA ASP B 37 11.78 52.11 -23.65
C ASP B 37 11.55 50.60 -23.73
N TRP B 38 12.58 49.84 -24.07
CA TRP B 38 12.52 48.36 -23.93
C TRP B 38 12.88 47.98 -22.49
N GLU B 39 11.84 47.70 -21.70
CA GLU B 39 11.97 47.29 -20.31
C GLU B 39 12.25 45.78 -20.27
N VAL B 40 13.09 45.36 -19.34
CA VAL B 40 13.45 43.93 -19.14
C VAL B 40 13.44 43.64 -17.64
N ALA B 41 13.36 42.36 -17.29
CA ALA B 41 13.53 41.92 -15.91
C ALA B 41 14.92 41.28 -15.78
N ILE B 42 15.70 41.75 -14.83
CA ILE B 42 17.06 41.29 -14.67
C ILE B 42 17.19 40.58 -13.32
N LYS B 43 17.51 39.29 -13.39
CA LYS B 43 17.62 38.42 -12.25
C LYS B 43 19.09 38.13 -11.95
N SER B 44 19.50 38.28 -10.69
CA SER B 44 20.78 37.84 -10.19
C SER B 44 20.59 36.64 -9.25
N ILE B 45 21.22 35.52 -9.60
CA ILE B 45 21.26 34.31 -8.81
C ILE B 45 22.64 34.18 -8.13
N ASN B 46 22.64 34.11 -6.79
CA ASN B 46 23.83 33.96 -5.99
C ASN B 46 24.22 32.48 -5.94
N LYS B 47 25.07 32.07 -6.88
CA LYS B 47 25.48 30.65 -7.02
C LYS B 47 26.36 30.21 -5.86
N LYS B 48 27.12 31.13 -5.29
CA LYS B 48 28.00 30.79 -4.19
C LYS B 48 27.21 30.38 -2.96
N ASN B 49 26.22 31.20 -2.57
CA ASN B 49 25.38 30.88 -1.43
C ASN B 49 24.61 29.58 -1.71
N LEU B 50 24.10 29.45 -2.93
CA LEU B 50 23.31 28.30 -3.29
C LEU B 50 24.16 27.03 -3.10
N SER B 51 25.44 27.10 -3.48
CA SER B 51 26.34 25.94 -3.42
C SER B 51 26.51 25.44 -1.98
N LYS B 52 26.28 26.31 -0.99
CA LYS B 52 26.44 25.96 0.42
C LYS B 52 25.14 25.42 1.01
N SER B 53 24.07 25.38 0.21
CA SER B 53 22.78 24.95 0.70
C SER B 53 22.41 23.57 0.12
N GLN B 54 21.38 22.95 0.69
CA GLN B 54 20.86 21.67 0.24
C GLN B 54 20.07 21.82 -1.07
N ILE B 55 19.78 23.07 -1.46
CA ILE B 55 18.90 23.35 -2.56
C ILE B 55 19.72 23.29 -3.85
N LEU B 56 19.21 22.57 -4.85
CA LEU B 56 19.98 22.27 -6.06
C LEU B 56 19.98 23.47 -7.02
N LEU B 57 21.08 23.65 -7.72
CA LEU B 57 21.13 24.42 -8.93
C LEU B 57 20.20 23.76 -9.96
N GLY B 58 19.23 24.55 -10.43
CA GLY B 58 18.25 24.09 -11.33
C GLY B 58 18.67 24.32 -12.76
N LYS B 59 17.68 24.46 -13.63
CA LYS B 59 17.84 24.46 -15.08
C LYS B 59 17.08 25.64 -15.70
N GLU B 60 16.96 26.74 -14.96
CA GLU B 60 16.13 27.87 -15.45
C GLU B 60 16.69 28.39 -16.78
N ILE B 61 18.00 28.48 -16.91
CA ILE B 61 18.59 29.02 -18.12
C ILE B 61 18.23 28.10 -19.28
N LYS B 62 18.49 26.80 -19.14
CA LYS B 62 18.24 25.87 -20.20
C LYS B 62 16.76 25.89 -20.61
N ILE B 63 15.87 25.88 -19.59
CA ILE B 63 14.43 25.81 -19.85
C ILE B 63 13.99 27.07 -20.62
N LEU B 64 14.36 28.25 -20.14
CA LEU B 64 13.90 29.48 -20.75
C LEU B 64 14.57 29.67 -22.12
N LYS B 65 15.84 29.22 -22.26
CA LYS B 65 16.57 29.31 -23.53
C LYS B 65 15.80 28.50 -24.60
N GLU B 66 15.32 27.33 -24.20
CA GLU B 66 14.78 26.36 -25.13
C GLU B 66 13.33 26.71 -25.46
N LEU B 67 12.62 27.46 -24.60
CA LEU B 67 11.22 27.81 -24.87
C LEU B 67 11.13 29.10 -25.66
N GLN B 68 10.22 29.10 -26.61
CA GLN B 68 9.80 30.33 -27.24
C GLN B 68 8.27 30.26 -27.31
N HIS B 69 7.60 30.85 -26.33
CA HIS B 69 6.18 30.73 -26.20
C HIS B 69 5.61 31.98 -25.53
N GLU B 70 4.43 32.40 -26.00
CA GLU B 70 3.91 33.69 -25.61
C GLU B 70 3.44 33.71 -24.14
N ASN B 71 3.23 32.55 -23.51
CA ASN B 71 2.82 32.53 -22.11
C ASN B 71 3.97 32.08 -21.20
N ILE B 72 5.21 32.15 -21.68
CA ILE B 72 6.37 31.93 -20.85
C ILE B 72 7.39 33.06 -21.07
N VAL B 73 7.91 33.61 -19.96
CA VAL B 73 8.81 34.76 -20.06
C VAL B 73 9.99 34.37 -20.95
N ALA B 74 10.28 35.27 -21.92
CA ALA B 74 11.42 35.14 -22.83
C ALA B 74 12.73 35.41 -22.07
N LEU B 75 13.79 34.74 -22.52
CA LEU B 75 15.16 34.99 -22.06
C LEU B 75 15.95 35.66 -23.18
N TYR B 76 16.51 36.84 -22.90
CA TYR B 76 17.25 37.60 -23.94
C TYR B 76 18.76 37.43 -23.78
N ASP B 77 19.27 37.29 -22.55
CA ASP B 77 20.72 37.24 -22.40
C ASP B 77 21.06 36.59 -21.06
N VAL B 78 22.29 36.07 -21.00
CA VAL B 78 22.85 35.53 -19.77
C VAL B 78 24.25 36.09 -19.58
N GLN B 79 24.57 36.57 -18.37
CA GLN B 79 25.93 37.02 -18.07
C GLN B 79 26.39 36.28 -16.80
N GLU B 80 27.41 35.44 -16.99
CA GLU B 80 27.90 34.48 -16.02
C GLU B 80 29.11 35.12 -15.32
N LEU B 81 29.12 35.06 -13.98
CA LEU B 81 30.23 35.55 -13.15
C LEU B 81 30.69 34.43 -12.24
N PRO B 82 31.82 34.56 -11.53
CA PRO B 82 32.30 33.44 -10.72
C PRO B 82 31.33 33.05 -9.60
N ASN B 83 30.62 34.02 -9.01
CA ASN B 83 29.78 33.74 -7.82
C ASN B 83 28.27 33.88 -8.11
N SER B 84 27.93 34.29 -9.33
CA SER B 84 26.64 34.93 -9.72
C SER B 84 26.31 34.55 -11.16
N VAL B 85 25.03 34.67 -11.51
CA VAL B 85 24.66 34.72 -12.89
C VAL B 85 23.49 35.69 -13.04
N PHE B 86 23.50 36.48 -14.13
CA PHE B 86 22.41 37.36 -14.48
C PHE B 86 21.60 36.74 -15.62
N LEU B 87 20.28 36.77 -15.49
CA LEU B 87 19.40 36.45 -16.59
C LEU B 87 18.65 37.73 -16.95
N VAL B 88 18.68 38.09 -18.25
CA VAL B 88 17.90 39.21 -18.74
C VAL B 88 16.68 38.65 -19.46
N MET B 89 15.50 38.97 -18.94
CA MET B 89 14.27 38.32 -19.33
C MET B 89 13.21 39.36 -19.66
N GLU B 90 12.11 38.88 -20.24
CA GLU B 90 10.95 39.66 -20.57
C GLU B 90 10.39 40.30 -19.29
N TYR B 91 10.06 41.59 -19.36
CA TYR B 91 9.41 42.31 -18.27
C TYR B 91 7.90 42.28 -18.46
N CYS B 92 7.19 41.95 -17.38
CA CYS B 92 5.74 41.90 -17.33
C CYS B 92 5.24 43.16 -16.61
N ASN B 93 4.68 44.09 -17.38
CA ASN B 93 4.43 45.46 -16.90
C ASN B 93 3.21 45.48 -15.96
N GLY B 94 2.49 44.35 -15.81
CA GLY B 94 1.32 44.31 -14.96
C GLY B 94 1.58 43.74 -13.58
N GLY B 95 2.81 43.30 -13.31
CA GLY B 95 3.08 42.59 -12.07
C GLY B 95 2.59 41.15 -12.10
N ASP B 96 2.27 40.61 -10.91
CA ASP B 96 1.92 39.23 -10.78
C ASP B 96 0.41 39.10 -10.53
N LEU B 97 -0.06 37.86 -10.55
CA LEU B 97 -1.47 37.56 -10.36
C LEU B 97 -1.93 37.96 -8.96
N ALA B 98 -1.03 37.83 -7.97
CA ALA B 98 -1.37 38.25 -6.60
C ALA B 98 -1.71 39.76 -6.59
N ASP B 99 -0.91 40.59 -7.30
CA ASP B 99 -1.17 42.02 -7.34
C ASP B 99 -2.52 42.31 -7.98
N TYR B 100 -2.84 41.59 -9.04
CA TYR B 100 -4.10 41.70 -9.71
C TYR B 100 -5.27 41.32 -8.74
N LEU B 101 -5.09 40.25 -7.97
CA LEU B 101 -6.15 39.82 -7.01
C LEU B 101 -6.27 40.88 -5.90
N GLN B 102 -5.17 41.53 -5.54
CA GLN B 102 -5.21 42.60 -4.55
C GLN B 102 -6.15 43.72 -5.01
N ALA B 103 -6.15 44.00 -6.30
CA ALA B 103 -6.96 45.07 -6.86
C ALA B 103 -8.42 44.60 -7.04
N LYS B 104 -8.58 43.36 -7.48
CA LYS B 104 -9.88 42.88 -7.90
C LYS B 104 -10.65 42.19 -6.76
N GLY B 105 -9.94 41.67 -5.76
CA GLY B 105 -10.55 40.89 -4.67
C GLY B 105 -10.71 39.44 -5.08
N THR B 106 -11.74 39.15 -5.88
CA THR B 106 -11.92 37.88 -6.54
C THR B 106 -12.22 38.16 -8.02
N LEU B 107 -12.07 37.14 -8.87
CA LEU B 107 -12.35 37.30 -10.29
C LEU B 107 -13.64 36.56 -10.65
N SER B 108 -14.33 37.04 -11.68
CA SER B 108 -15.47 36.32 -12.26
C SER B 108 -14.96 34.98 -12.81
N GLU B 109 -15.89 34.05 -12.97
CA GLU B 109 -15.61 32.78 -13.61
C GLU B 109 -15.08 33.02 -15.04
N ASP B 110 -15.65 34.00 -15.74
CA ASP B 110 -15.29 34.27 -17.11
C ASP B 110 -13.83 34.75 -17.19
N THR B 111 -13.42 35.60 -16.25
CA THR B 111 -12.04 36.09 -16.17
C THR B 111 -11.11 34.93 -15.84
N ILE B 112 -11.50 34.13 -14.85
CA ILE B 112 -10.75 32.93 -14.51
C ILE B 112 -10.54 32.06 -15.76
N ARG B 113 -11.56 31.92 -16.57
CA ARG B 113 -11.47 31.06 -17.73
C ARG B 113 -10.48 31.65 -18.75
N VAL B 114 -10.54 32.96 -18.97
CA VAL B 114 -9.64 33.64 -19.92
C VAL B 114 -8.19 33.45 -19.47
N PHE B 115 -7.91 33.71 -18.19
CA PHE B 115 -6.56 33.47 -17.64
C PHE B 115 -6.18 31.99 -17.77
N LEU B 116 -7.12 31.10 -17.46
CA LEU B 116 -6.78 29.71 -17.34
C LEU B 116 -6.46 29.12 -18.70
N HIS B 117 -7.11 29.61 -19.75
CA HIS B 117 -6.78 29.22 -21.12
CA HIS B 117 -6.78 29.23 -21.14
C HIS B 117 -5.27 29.47 -21.38
N GLN B 118 -4.77 30.61 -20.91
CA GLN B 118 -3.37 30.99 -21.16
C GLN B 118 -2.43 30.18 -20.26
N ILE B 119 -2.83 29.95 -19.01
CA ILE B 119 -2.04 29.11 -18.13
C ILE B 119 -1.95 27.71 -18.73
N ALA B 120 -3.08 27.23 -19.27
CA ALA B 120 -3.15 25.88 -19.85
C ALA B 120 -2.20 25.77 -21.05
N ALA B 121 -2.18 26.81 -21.88
CA ALA B 121 -1.29 26.86 -23.04
C ALA B 121 0.19 26.76 -22.61
N ALA B 122 0.56 27.46 -21.54
CA ALA B 122 1.92 27.33 -20.97
C ALA B 122 2.14 25.91 -20.47
N MET B 123 1.16 25.37 -19.76
CA MET B 123 1.31 24.03 -19.15
CA MET B 123 1.34 24.05 -19.17
C MET B 123 1.43 22.97 -20.26
N ARG B 124 0.75 23.20 -21.39
CA ARG B 124 0.82 22.32 -22.56
C ARG B 124 2.28 22.24 -23.06
N ILE B 125 2.96 23.39 -23.21
CA ILE B 125 4.34 23.36 -23.75
C ILE B 125 5.27 22.70 -22.70
N LEU B 126 5.08 23.03 -21.42
CA LEU B 126 5.89 22.40 -20.35
C LEU B 126 5.69 20.89 -20.39
N HIS B 127 4.44 20.47 -20.61
CA HIS B 127 4.09 19.04 -20.60
C HIS B 127 4.73 18.32 -21.78
N SER B 128 4.67 18.93 -22.97
CA SER B 128 5.39 18.43 -24.16
C SER B 128 6.86 18.16 -23.87
N LYS B 129 7.50 19.03 -23.08
CA LYS B 129 8.95 18.99 -22.91
C LYS B 129 9.33 18.22 -21.64
N GLY B 130 8.36 17.72 -20.88
CA GLY B 130 8.62 16.97 -19.71
C GLY B 130 9.12 17.83 -18.57
N ILE B 131 8.62 19.06 -18.47
CA ILE B 131 9.02 19.99 -17.42
C ILE B 131 7.88 20.13 -16.46
N ILE B 132 8.20 20.03 -15.17
CA ILE B 132 7.29 20.41 -14.14
C ILE B 132 7.91 21.58 -13.38
N HIS B 133 7.11 22.61 -13.16
CA HIS B 133 7.52 23.89 -12.62
C HIS B 133 7.76 23.75 -11.11
N ARG B 134 6.75 23.13 -10.44
CA ARG B 134 6.80 22.65 -9.05
C ARG B 134 6.60 23.77 -8.04
N ASP B 135 6.55 25.03 -8.49
CA ASP B 135 6.36 26.15 -7.55
C ASP B 135 5.41 27.19 -8.14
N LEU B 136 4.38 26.75 -8.88
CA LEU B 136 3.43 27.69 -9.43
C LEU B 136 2.65 28.33 -8.29
N LYS B 137 2.44 29.62 -8.44
CA LYS B 137 1.75 30.40 -7.40
C LYS B 137 1.40 31.76 -7.98
N PRO B 138 0.53 32.53 -7.29
CA PRO B 138 0.14 33.85 -7.80
C PRO B 138 1.34 34.78 -8.03
N GLN B 139 2.45 34.55 -7.32
CA GLN B 139 3.63 35.43 -7.34
C GLN B 139 4.48 35.18 -8.59
N ASN B 140 4.28 34.05 -9.32
CA ASN B 140 5.09 33.82 -10.52
C ASN B 140 4.23 33.54 -11.75
N ILE B 141 2.96 33.88 -11.67
CA ILE B 141 2.07 33.97 -12.80
C ILE B 141 1.90 35.46 -13.07
N LEU B 142 2.50 35.96 -14.16
CA LEU B 142 2.69 37.37 -14.37
C LEU B 142 1.75 37.87 -15.46
N LEU B 143 1.46 39.17 -15.40
CA LEU B 143 0.55 39.88 -16.30
C LEU B 143 1.34 40.88 -17.13
N SER B 144 1.09 40.86 -18.44
CA SER B 144 1.62 41.79 -19.37
C SER B 144 0.48 42.46 -20.16
N TYR B 145 0.38 43.78 -20.01
CA TYR B 145 -0.66 44.61 -20.64
C TYR B 145 -0.09 45.25 -21.92
N ALA B 146 -0.79 45.04 -23.03
CA ALA B 146 -0.64 45.88 -24.24
C ALA B 146 -2.02 46.22 -24.81
N SER B 152 -8.18 45.61 -19.64
CA SER B 152 -9.20 44.58 -19.52
C SER B 152 -8.60 43.21 -19.85
N VAL B 153 -9.38 42.16 -19.58
CA VAL B 153 -8.89 40.76 -19.67
C VAL B 153 -8.40 40.47 -21.10
N SER B 154 -9.05 41.07 -22.11
CA SER B 154 -8.67 40.86 -23.53
C SER B 154 -7.30 41.48 -23.85
N GLY B 155 -6.86 42.47 -23.05
CA GLY B 155 -5.56 43.12 -23.25
C GLY B 155 -4.43 42.36 -22.52
N ILE B 156 -4.83 41.51 -21.57
CA ILE B 156 -3.92 40.94 -20.59
C ILE B 156 -3.34 39.63 -21.16
N ARG B 157 -2.00 39.54 -21.19
CA ARG B 157 -1.32 38.30 -21.46
C ARG B 157 -0.69 37.75 -20.18
N ILE B 158 -0.90 36.46 -19.92
CA ILE B 158 -0.31 35.77 -18.81
C ILE B 158 1.04 35.20 -19.25
N LYS B 159 2.04 35.30 -18.37
CA LYS B 159 3.33 34.66 -18.59
C LYS B 159 3.78 33.97 -17.30
N ILE B 160 4.21 32.72 -17.43
CA ILE B 160 4.77 31.97 -16.33
C ILE B 160 6.25 32.33 -16.20
N ALA B 161 6.69 32.48 -14.97
CA ALA B 161 8.06 32.82 -14.63
C ALA B 161 8.57 31.93 -13.49
N ASP B 162 9.87 32.13 -13.20
CA ASP B 162 10.63 31.61 -12.08
C ASP B 162 10.68 30.09 -12.14
N PHE B 163 11.59 29.57 -12.98
CA PHE B 163 11.74 28.16 -13.19
C PHE B 163 12.90 27.58 -12.37
N GLY B 164 13.30 28.26 -11.29
CA GLY B 164 14.47 27.85 -10.52
C GLY B 164 14.27 26.58 -9.69
N PHE B 165 13.01 26.16 -9.49
CA PHE B 165 12.71 24.94 -8.75
C PHE B 165 12.21 23.86 -9.72
N ALA B 166 12.16 24.17 -11.02
CA ALA B 166 11.58 23.27 -12.01
C ALA B 166 12.50 22.05 -12.20
N ARG B 167 11.89 20.95 -12.66
CA ARG B 167 12.66 19.72 -12.95
C ARG B 167 12.14 19.07 -14.24
N TYR B 168 13.00 18.29 -14.87
CA TYR B 168 12.69 17.51 -15.99
C TYR B 168 12.26 16.12 -15.53
N LEU B 169 11.06 15.69 -15.93
CA LEU B 169 10.45 14.40 -15.47
C LEU B 169 11.35 13.21 -15.84
N HIS B 170 12.00 13.29 -16.99
CA HIS B 170 12.73 12.20 -17.55
C HIS B 170 14.19 12.20 -17.11
N SER B 171 14.62 13.09 -16.22
CA SER B 171 16.10 13.24 -15.98
C SER B 171 16.66 11.97 -15.33
N ASN B 172 15.94 11.36 -14.37
CA ASN B 172 16.41 10.11 -13.72
C ASN B 172 16.55 8.99 -14.77
N MET B 173 15.52 8.85 -15.61
CA MET B 173 15.48 7.87 -16.68
C MET B 173 16.62 8.15 -17.68
N MET B 174 16.92 9.43 -17.93
CA MET B 174 18.00 9.80 -18.86
C MET B 174 19.36 9.46 -18.24
N ALA B 175 19.55 9.74 -16.94
CA ALA B 175 20.77 9.35 -16.22
C ALA B 175 21.03 7.84 -16.41
N ALA B 176 19.97 7.04 -16.21
CA ALA B 176 20.04 5.57 -16.29
C ALA B 176 20.47 5.14 -17.70
N ASP B 177 19.86 5.74 -18.74
CA ASP B 177 20.20 5.47 -20.16
C ASP B 177 21.70 5.73 -20.42
N LEU B 178 22.24 6.79 -19.79
CA LEU B 178 23.62 7.26 -20.00
C LEU B 178 24.61 6.53 -19.08
N CYS B 179 24.09 5.75 -18.13
CA CYS B 179 24.86 4.77 -17.33
C CYS B 179 25.26 3.56 -18.19
N GLY B 180 24.29 3.04 -18.96
CA GLY B 180 24.42 1.75 -19.63
C GLY B 180 24.00 0.61 -18.71
N SER B 181 24.41 0.67 -17.43
CA SER B 181 23.82 -0.16 -16.33
C SER B 181 22.80 0.65 -15.51
N PRO B 182 21.49 0.53 -15.78
CA PRO B 182 20.43 1.04 -14.89
C PRO B 182 20.00 -0.05 -13.88
N MET B 183 20.83 -1.07 -13.76
CA MET B 183 20.50 -2.40 -13.33
C MET B 183 20.43 -2.47 -11.80
N TYR B 184 20.98 -1.46 -11.13
CA TYR B 184 21.20 -1.42 -9.70
C TYR B 184 20.39 -0.28 -9.12
N MET B 185 19.79 0.50 -10.00
CA MET B 185 19.00 1.65 -9.59
C MET B 185 17.66 1.12 -9.03
N ALA B 186 17.13 1.79 -8.00
CA ALA B 186 15.87 1.41 -7.38
C ALA B 186 14.72 1.62 -8.37
N PRO B 187 13.72 0.70 -8.42
CA PRO B 187 12.54 0.89 -9.25
C PRO B 187 11.91 2.28 -9.11
N GLU B 188 11.74 2.77 -7.88
CA GLU B 188 11.09 4.05 -7.65
C GLU B 188 11.94 5.22 -8.20
N VAL B 189 13.25 5.01 -8.43
CA VAL B 189 14.10 6.06 -9.03
C VAL B 189 13.92 6.03 -10.55
N ILE B 190 14.02 4.82 -11.14
CA ILE B 190 13.80 4.59 -12.57
C ILE B 190 12.42 5.15 -13.02
N MET B 191 11.40 5.04 -12.17
CA MET B 191 9.97 5.24 -12.57
C MET B 191 9.40 6.50 -11.89
N SER B 192 10.28 7.37 -11.35
CA SER B 192 9.87 8.52 -10.51
C SER B 192 9.12 9.56 -11.33
N GLN B 193 9.36 9.58 -12.65
CA GLN B 193 8.56 10.36 -13.63
C GLN B 193 7.08 10.34 -13.23
N HIS B 194 6.57 9.22 -12.69
CA HIS B 194 5.15 9.04 -12.36
C HIS B 194 4.82 9.40 -10.90
N TYR B 195 5.55 10.35 -10.30
CA TYR B 195 5.39 10.64 -8.87
C TYR B 195 4.92 12.07 -8.65
N ASP B 196 5.67 13.03 -9.19
CA ASP B 196 5.29 14.44 -9.07
C ASP B 196 4.88 14.98 -10.46
N ALA B 197 4.55 14.08 -11.39
CA ALA B 197 4.18 14.46 -12.76
C ALA B 197 3.02 15.48 -12.76
N LYS B 198 2.17 15.46 -11.73
CA LYS B 198 0.95 16.27 -11.67
C LYS B 198 1.04 17.36 -10.60
N ALA B 199 2.23 17.64 -10.10
CA ALA B 199 2.42 18.70 -9.11
C ALA B 199 1.79 20.03 -9.54
N ASP B 200 1.98 20.41 -10.81
CA ASP B 200 1.53 21.71 -11.31
C ASP B 200 -0.01 21.76 -11.35
N LEU B 201 -0.65 20.62 -11.55
CA LEU B 201 -2.13 20.55 -11.59
C LEU B 201 -2.70 20.89 -10.22
N TRP B 202 -2.05 20.41 -9.15
CA TRP B 202 -2.49 20.81 -7.79
C TRP B 202 -2.32 22.31 -7.62
N SER B 203 -1.12 22.81 -7.96
CA SER B 203 -0.83 24.19 -7.78
C SER B 203 -1.90 25.05 -8.49
N ILE B 204 -2.21 24.70 -9.74
CA ILE B 204 -3.14 25.50 -10.54
CA ILE B 204 -3.12 25.53 -10.51
C ILE B 204 -4.50 25.46 -9.85
N GLY B 205 -4.84 24.30 -9.30
CA GLY B 205 -6.03 24.15 -8.48
C GLY B 205 -6.09 25.20 -7.38
N THR B 206 -5.00 25.33 -6.61
CA THR B 206 -4.97 26.27 -5.50
C THR B 206 -5.08 27.72 -6.01
N VAL B 207 -4.48 28.00 -7.16
CA VAL B 207 -4.47 29.36 -7.70
C VAL B 207 -5.88 29.74 -8.18
N ILE B 208 -6.53 28.83 -8.91
CA ILE B 208 -7.89 29.06 -9.39
C ILE B 208 -8.81 29.28 -8.20
N TYR B 209 -8.65 28.43 -7.18
CA TYR B 209 -9.45 28.53 -5.95
C TYR B 209 -9.28 29.94 -5.38
N GLN B 210 -8.03 30.39 -5.26
CA GLN B 210 -7.79 31.67 -4.67
C GLN B 210 -8.40 32.78 -5.53
N CYS B 211 -8.29 32.66 -6.87
CA CYS B 211 -8.94 33.62 -7.74
C CYS B 211 -10.45 33.72 -7.44
N LEU B 212 -11.10 32.57 -7.23
CA LEU B 212 -12.56 32.47 -7.10
C LEU B 212 -13.01 32.96 -5.73
N VAL B 213 -12.28 32.57 -4.67
CA VAL B 213 -12.77 32.67 -3.29
C VAL B 213 -12.05 33.79 -2.54
N GLY B 214 -10.79 34.05 -2.87
CA GLY B 214 -10.05 35.16 -2.28
C GLY B 214 -9.08 34.72 -1.20
N LYS B 215 -8.97 33.41 -0.96
CA LYS B 215 -7.87 32.83 -0.16
C LYS B 215 -7.47 31.50 -0.78
N PRO B 216 -6.32 30.92 -0.40
CA PRO B 216 -5.97 29.55 -0.78
C PRO B 216 -6.93 28.54 -0.14
N PRO B 217 -7.13 27.34 -0.72
CA PRO B 217 -8.08 26.37 -0.15
C PRO B 217 -7.68 25.80 1.22
N PHE B 218 -6.39 25.78 1.54
CA PHE B 218 -5.90 25.17 2.79
C PHE B 218 -4.80 26.02 3.38
N GLN B 219 -5.07 26.61 4.55
CA GLN B 219 -4.10 27.44 5.24
C GLN B 219 -3.61 26.71 6.48
N ALA B 220 -2.35 26.97 6.83
CA ALA B 220 -1.70 26.51 8.04
C ALA B 220 -0.91 27.67 8.66
N ASN B 221 -0.48 27.47 9.93
CA ASN B 221 0.38 28.47 10.64
C ASN B 221 1.72 28.63 9.90
N SER B 222 2.33 27.50 9.51
CA SER B 222 3.71 27.44 9.00
C SER B 222 3.82 26.34 7.95
N PRO B 223 4.90 26.29 7.15
CA PRO B 223 5.16 25.18 6.23
C PRO B 223 5.16 23.76 6.83
N GLN B 224 5.68 23.59 8.05
CA GLN B 224 5.75 22.26 8.70
C GLN B 224 4.33 21.87 9.14
N ASP B 225 3.51 22.86 9.53
CA ASP B 225 2.12 22.62 9.92
C ASP B 225 1.29 22.16 8.72
N LEU B 226 1.53 22.75 7.55
CA LEU B 226 0.80 22.36 6.33
C LEU B 226 1.23 20.96 5.90
N ARG B 227 2.53 20.67 6.02
CA ARG B 227 3.04 19.33 5.74
C ARG B 227 2.33 18.31 6.66
N MET B 228 2.21 18.66 7.96
CA MET B 228 1.54 17.80 8.99
C MET B 228 0.10 17.51 8.58
N PHE B 229 -0.59 18.55 8.09
CA PHE B 229 -1.99 18.51 7.70
C PHE B 229 -2.18 17.52 6.54
N TYR B 230 -1.38 17.69 5.49
CA TYR B 230 -1.46 16.83 4.28
C TYR B 230 -1.13 15.37 4.67
N GLU B 231 -0.18 15.19 5.59
CA GLU B 231 0.21 13.88 6.11
C GLU B 231 -0.95 13.24 6.90
N LYS B 232 -1.59 14.02 7.78
CA LYS B 232 -2.66 13.57 8.72
C LYS B 232 -4.00 13.32 8.00
N ASN B 233 -4.25 14.06 6.91
CA ASN B 233 -5.49 13.93 6.14
C ASN B 233 -5.19 13.29 4.78
N ARG B 234 -5.71 12.08 4.53
CA ARG B 234 -5.37 11.28 3.33
C ARG B 234 -6.32 11.59 2.17
N SER B 235 -7.45 12.24 2.48
CA SER B 235 -8.24 12.96 1.48
C SER B 235 -8.46 14.40 1.97
N LEU B 236 -8.75 15.29 1.04
CA LEU B 236 -8.94 16.70 1.33
C LEU B 236 -10.05 17.28 0.43
N MET B 237 -11.09 17.79 1.08
CA MET B 237 -12.23 18.42 0.44
C MET B 237 -12.08 19.94 0.57
N PRO B 238 -11.75 20.70 -0.51
CA PRO B 238 -11.80 22.16 -0.44
C PRO B 238 -13.25 22.63 -0.25
N SER B 239 -13.44 23.69 0.53
CA SER B 239 -14.72 24.32 0.69
C SER B 239 -15.03 25.21 -0.51
N ILE B 240 -15.89 24.72 -1.42
CA ILE B 240 -16.28 25.41 -2.64
C ILE B 240 -17.61 26.14 -2.42
N PRO B 241 -17.73 27.45 -2.73
CA PRO B 241 -19.02 28.13 -2.61
C PRO B 241 -20.10 27.48 -3.49
N ARG B 242 -21.32 27.35 -2.94
CA ARG B 242 -22.42 26.60 -3.58
C ARG B 242 -22.79 27.27 -4.92
N GLU B 243 -22.57 28.57 -5.04
CA GLU B 243 -22.89 29.31 -6.28
C GLU B 243 -21.83 29.05 -7.38
N THR B 244 -20.70 28.42 -7.06
CA THR B 244 -19.71 28.04 -8.10
C THR B 244 -20.39 27.19 -9.19
N SER B 245 -20.10 27.49 -10.47
CA SER B 245 -20.69 26.73 -11.58
C SER B 245 -20.33 25.26 -11.43
N PRO B 246 -21.17 24.31 -11.90
CA PRO B 246 -20.83 22.90 -11.87
C PRO B 246 -19.48 22.54 -12.49
N TYR B 247 -19.17 23.14 -13.64
CA TYR B 247 -17.87 22.81 -14.32
C TYR B 247 -16.67 23.30 -13.51
N LEU B 248 -16.75 24.50 -12.91
CA LEU B 248 -15.60 25.05 -12.16
C LEU B 248 -15.42 24.26 -10.87
N ALA B 249 -16.54 23.90 -10.21
CA ALA B 249 -16.49 23.09 -8.99
C ALA B 249 -15.79 21.76 -9.29
N ASN B 250 -16.22 21.13 -10.39
CA ASN B 250 -15.67 19.86 -10.85
C ASN B 250 -14.17 20.00 -11.11
N LEU B 251 -13.78 21.06 -11.80
CA LEU B 251 -12.33 21.31 -12.11
C LEU B 251 -11.50 21.44 -10.82
N LEU B 252 -12.00 22.22 -9.86
CA LEU B 252 -11.33 22.39 -8.60
C LEU B 252 -11.22 21.06 -7.82
N LEU B 253 -12.29 20.27 -7.79
CA LEU B 253 -12.29 19.02 -7.00
C LEU B 253 -11.28 18.05 -7.60
N GLY B 254 -11.20 18.03 -8.93
CA GLY B 254 -10.33 17.11 -9.65
C GLY B 254 -8.87 17.54 -9.60
N LEU B 255 -8.60 18.85 -9.50
CA LEU B 255 -7.23 19.34 -9.35
C LEU B 255 -6.78 19.18 -7.90
N LEU B 256 -7.64 19.49 -6.92
CA LEU B 256 -7.27 19.49 -5.50
C LEU B 256 -7.53 18.11 -4.87
N GLN B 257 -6.99 17.07 -5.51
CA GLN B 257 -6.90 15.73 -4.98
C GLN B 257 -5.53 15.54 -4.32
N ARG B 258 -5.55 15.24 -3.02
CA ARG B 258 -4.36 15.07 -2.24
C ARG B 258 -3.45 14.02 -2.88
N ASN B 259 -4.04 12.93 -3.40
CA ASN B 259 -3.27 11.83 -3.92
C ASN B 259 -3.18 11.96 -5.45
N GLN B 260 -1.95 11.88 -5.97
CA GLN B 260 -1.60 12.01 -7.40
C GLN B 260 -2.50 11.13 -8.25
N LYS B 261 -2.68 9.89 -7.79
CA LYS B 261 -3.32 8.88 -8.60
C LYS B 261 -4.79 9.23 -8.85
N ASP B 262 -5.39 10.01 -7.94
CA ASP B 262 -6.79 10.40 -8.05
C ASP B 262 -6.94 11.74 -8.78
N ARG B 263 -5.84 12.50 -8.87
CA ARG B 263 -5.89 13.83 -9.44
C ARG B 263 -6.17 13.72 -10.94
N MET B 264 -6.93 14.69 -11.43
CA MET B 264 -7.15 14.91 -12.84
C MET B 264 -5.83 14.84 -13.65
N ASP B 265 -5.88 14.16 -14.80
CA ASP B 265 -4.81 14.05 -15.82
C ASP B 265 -4.65 15.40 -16.54
N PHE B 266 -3.53 15.56 -17.25
CA PHE B 266 -3.29 16.72 -18.10
C PHE B 266 -4.32 16.78 -19.24
N GLU B 267 -4.58 15.65 -19.91
CA GLU B 267 -5.46 15.64 -21.08
C GLU B 267 -6.88 16.06 -20.65
N ALA B 268 -7.30 15.62 -19.46
CA ALA B 268 -8.60 15.97 -18.89
C ALA B 268 -8.63 17.45 -18.48
N PHE B 269 -7.51 17.95 -17.96
CA PHE B 269 -7.41 19.38 -17.64
C PHE B 269 -7.54 20.22 -18.92
N PHE B 270 -6.72 19.93 -19.93
CA PHE B 270 -6.69 20.75 -21.16
C PHE B 270 -8.06 20.68 -21.89
N SER B 271 -8.78 19.56 -21.75
CA SER B 271 -10.08 19.34 -22.42
C SER B 271 -11.24 19.64 -21.49
N HIS B 272 -10.99 20.15 -20.29
CA HIS B 272 -12.04 20.22 -19.31
C HIS B 272 -13.16 21.10 -19.84
N PRO B 273 -14.43 20.72 -19.62
CA PRO B 273 -15.56 21.54 -20.05
C PRO B 273 -15.56 23.00 -19.55
N PHE B 274 -14.95 23.27 -18.39
CA PHE B 274 -14.82 24.68 -17.95
C PHE B 274 -14.09 25.50 -19.02
N LEU B 275 -13.10 24.88 -19.68
CA LEU B 275 -12.22 25.58 -20.67
C LEU B 275 -12.89 25.56 -22.05
N GLU B 276 -13.69 24.53 -22.34
CA GLU B 276 -14.37 24.38 -23.65
C GLU B 276 -15.46 25.45 -23.81
N GLN B 277 -16.08 25.87 -22.69
CA GLN B 277 -16.99 27.02 -22.72
C GLN B 277 -16.30 28.24 -23.34
N MET C 5 -23.49 -42.17 34.09
CA MET C 5 -22.94 -41.90 32.73
C MET C 5 -24.03 -41.24 31.86
N GLU C 6 -23.66 -40.23 31.07
CA GLU C 6 -24.51 -39.72 30.01
C GLU C 6 -24.44 -40.67 28.80
N VAL C 7 -25.58 -40.95 28.21
CA VAL C 7 -25.67 -41.86 27.09
C VAL C 7 -25.77 -41.03 25.82
N VAL C 8 -25.00 -41.41 24.79
CA VAL C 8 -25.06 -40.79 23.46
C VAL C 8 -25.02 -41.94 22.45
N GLY C 9 -26.19 -42.33 21.97
CA GLY C 9 -26.36 -43.46 21.10
C GLY C 9 -25.73 -44.72 21.70
N ASP C 10 -24.76 -45.31 20.97
CA ASP C 10 -24.04 -46.51 21.36
C ASP C 10 -22.90 -46.21 22.33
N PHE C 11 -22.75 -44.94 22.76
CA PHE C 11 -21.61 -44.51 23.56
C PHE C 11 -22.09 -43.84 24.85
N GLU C 12 -21.16 -43.58 25.76
CA GLU C 12 -21.44 -42.94 27.00
C GLU C 12 -20.20 -42.24 27.52
N TYR C 13 -20.41 -41.30 28.44
CA TYR C 13 -19.32 -40.56 29.06
C TYR C 13 -19.78 -40.03 30.41
N SER C 14 -18.82 -39.73 31.28
CA SER C 14 -19.06 -38.98 32.49
C SER C 14 -18.63 -37.53 32.28
N LYS C 15 -19.41 -36.59 32.83
CA LYS C 15 -19.14 -35.18 32.78
C LYS C 15 -17.80 -34.85 33.46
N ARG C 16 -17.29 -35.75 34.30
CA ARG C 16 -16.08 -35.53 35.03
C ARG C 16 -14.85 -35.77 34.17
N ASP C 17 -15.00 -36.45 33.02
CA ASP C 17 -13.85 -36.83 32.20
C ASP C 17 -13.67 -35.83 31.04
N LEU C 18 -13.74 -34.54 31.37
CA LEU C 18 -13.58 -33.41 30.47
C LEU C 18 -12.12 -33.38 29.96
N VAL C 19 -11.93 -33.29 28.65
CA VAL C 19 -10.57 -33.19 28.09
C VAL C 19 -10.37 -31.87 27.33
N GLY C 20 -11.44 -31.13 27.07
CA GLY C 20 -11.27 -29.78 26.54
C GLY C 20 -12.60 -29.04 26.52
N HIS C 21 -12.51 -27.72 26.39
CA HIS C 21 -13.66 -26.88 26.22
C HIS C 21 -13.26 -25.65 25.45
N GLY C 22 -14.23 -25.12 24.71
CA GLY C 22 -14.04 -24.05 23.82
C GLY C 22 -15.30 -23.23 23.73
N ALA C 23 -15.47 -22.54 22.60
CA ALA C 23 -16.61 -21.72 22.39
C ALA C 23 -17.82 -22.63 22.10
N PHE C 24 -18.68 -22.72 23.10
CA PHE C 24 -19.97 -23.37 23.00
C PHE C 24 -19.78 -24.89 22.78
N ALA C 25 -18.63 -25.42 23.20
CA ALA C 25 -18.37 -26.84 23.05
C ALA C 25 -17.52 -27.36 24.22
N VAL C 26 -17.78 -28.63 24.57
CA VAL C 26 -17.06 -29.33 25.55
C VAL C 26 -16.79 -30.74 25.00
N VAL C 27 -15.63 -31.28 25.37
CA VAL C 27 -15.22 -32.58 24.90
C VAL C 27 -14.90 -33.45 26.11
N PHE C 28 -15.41 -34.67 26.09
CA PHE C 28 -15.25 -35.66 27.16
C PHE C 28 -14.61 -36.93 26.59
N ARG C 29 -13.75 -37.58 27.40
CA ARG C 29 -13.40 -38.95 27.14
C ARG C 29 -14.64 -39.81 27.49
N GLY C 30 -15.04 -40.68 26.55
CA GLY C 30 -16.06 -41.66 26.79
C GLY C 30 -15.70 -42.99 26.19
N ARG C 31 -16.73 -43.85 26.01
CA ARG C 31 -16.51 -45.21 25.58
C ARG C 31 -17.80 -45.76 24.97
N HIS C 32 -17.64 -46.80 24.15
CA HIS C 32 -18.76 -47.59 23.68
C HIS C 32 -19.40 -48.30 24.90
N ARG C 33 -20.72 -48.36 24.93
CA ARG C 33 -21.48 -48.85 26.09
C ARG C 33 -21.30 -50.37 26.28
N GLN C 34 -21.09 -51.10 25.18
CA GLN C 34 -20.81 -52.54 25.22
C GLN C 34 -19.30 -52.79 25.22
N LYS C 35 -18.60 -52.33 24.16
CA LYS C 35 -17.18 -52.49 24.01
C LYS C 35 -16.46 -51.37 24.74
N THR C 36 -16.39 -51.49 26.08
CA THR C 36 -16.01 -50.43 26.97
C THR C 36 -14.50 -50.18 26.93
N ASP C 37 -13.75 -51.00 26.15
CA ASP C 37 -12.33 -50.79 25.88
C ASP C 37 -12.15 -49.83 24.68
N TRP C 38 -13.23 -49.59 23.93
CA TRP C 38 -13.17 -48.63 22.81
C TRP C 38 -13.44 -47.25 23.38
N GLU C 39 -12.38 -46.48 23.60
CA GLU C 39 -12.44 -45.11 24.07
C GLU C 39 -12.74 -44.19 22.87
N VAL C 40 -13.54 -43.16 23.11
CA VAL C 40 -13.91 -42.17 22.13
C VAL C 40 -13.86 -40.80 22.78
N ALA C 41 -13.82 -39.75 21.94
CA ALA C 41 -13.97 -38.39 22.43
C ALA C 41 -15.35 -37.92 22.02
N ILE C 42 -16.13 -37.44 23.02
CA ILE C 42 -17.47 -37.01 22.75
C ILE C 42 -17.56 -35.51 22.96
N LYS C 43 -17.93 -34.82 21.88
CA LYS C 43 -17.96 -33.38 21.83
C LYS C 43 -19.42 -32.96 21.75
N SER C 44 -19.83 -32.10 22.68
CA SER C 44 -21.13 -31.55 22.77
C SER C 44 -21.07 -30.08 22.42
N ILE C 45 -21.78 -29.70 21.37
CA ILE C 45 -21.84 -28.34 20.88
C ILE C 45 -23.21 -27.78 21.23
N ASN C 46 -23.23 -26.70 22.01
CA ASN C 46 -24.44 -26.07 22.45
C ASN C 46 -24.91 -25.12 21.34
N LYS C 47 -25.78 -25.64 20.46
CA LYS C 47 -26.26 -24.93 19.26
C LYS C 47 -27.06 -23.68 19.67
N LYS C 48 -27.82 -23.79 20.77
CA LYS C 48 -28.67 -22.73 21.18
C LYS C 48 -27.83 -21.51 21.59
N ASN C 49 -26.87 -21.71 22.48
CA ASN C 49 -26.02 -20.63 22.92
C ASN C 49 -25.18 -20.09 21.74
N LEU C 50 -24.68 -20.99 20.89
CA LEU C 50 -23.91 -20.60 19.73
C LEU C 50 -24.74 -19.64 18.85
N SER C 51 -26.03 -19.94 18.68
CA SER C 51 -26.90 -19.15 17.80
C SER C 51 -27.06 -17.71 18.32
N LYS C 52 -26.82 -17.49 19.60
CA LYS C 52 -26.95 -16.18 20.20
C LYS C 52 -25.62 -15.43 20.15
N SER C 53 -24.57 -16.04 19.62
CA SER C 53 -23.26 -15.42 19.60
C SER C 53 -22.86 -15.03 18.16
N GLN C 54 -21.78 -14.25 18.08
CA GLN C 54 -21.22 -13.79 16.81
C GLN C 54 -20.42 -14.91 16.13
N ILE C 55 -20.21 -16.01 16.85
CA ILE C 55 -19.34 -17.07 16.35
C ILE C 55 -20.17 -18.00 15.47
N LEU C 56 -19.68 -18.26 14.25
CA LEU C 56 -20.42 -19.03 13.24
C LEU C 56 -20.39 -20.53 13.60
N LEU C 57 -21.51 -21.20 13.31
CA LEU C 57 -21.52 -22.64 13.20
C LEU C 57 -20.66 -22.97 11.98
N GLY C 58 -19.66 -23.81 12.18
CA GLY C 58 -18.78 -24.17 11.08
C GLY C 58 -19.27 -25.39 10.33
N LYS C 59 -18.31 -26.16 9.82
CA LYS C 59 -18.56 -27.32 8.95
C LYS C 59 -17.80 -28.55 9.47
N GLU C 60 -17.63 -28.63 10.78
CA GLU C 60 -16.77 -29.71 11.37
C GLU C 60 -17.31 -31.10 10.98
N ILE C 61 -18.62 -31.28 11.00
CA ILE C 61 -19.20 -32.55 10.70
C ILE C 61 -18.91 -32.88 9.25
N LYS C 62 -19.22 -31.97 8.31
CA LYS C 62 -19.00 -32.22 6.93
C LYS C 62 -17.51 -32.54 6.66
N ILE C 63 -16.61 -31.76 7.27
CA ILE C 63 -15.21 -31.92 7.05
C ILE C 63 -14.73 -33.29 7.56
N LEU C 64 -15.07 -33.63 8.82
CA LEU C 64 -14.60 -34.88 9.41
C LEU C 64 -15.28 -36.07 8.72
N LYS C 65 -16.55 -35.92 8.30
CA LYS C 65 -17.28 -36.98 7.58
C LYS C 65 -16.54 -37.30 6.29
N GLU C 66 -16.07 -36.26 5.60
CA GLU C 66 -15.47 -36.36 4.27
C GLU C 66 -14.06 -36.98 4.39
N LEU C 67 -13.36 -36.73 5.49
CA LEU C 67 -11.96 -37.15 5.62
C LEU C 67 -11.88 -38.54 6.24
N GLN C 68 -11.02 -39.35 5.67
CA GLN C 68 -10.62 -40.57 6.25
C GLN C 68 -9.10 -40.63 6.16
N HIS C 69 -8.41 -40.19 7.22
CA HIS C 69 -6.98 -40.09 7.18
C HIS C 69 -6.40 -40.32 8.58
N GLU C 70 -5.26 -40.99 8.63
CA GLU C 70 -4.70 -41.47 9.91
C GLU C 70 -4.18 -40.31 10.78
N ASN C 71 -3.97 -39.11 10.22
CA ASN C 71 -3.50 -37.98 11.04
C ASN C 71 -4.60 -36.93 11.22
N ILE C 72 -5.85 -37.34 10.98
CA ILE C 72 -7.00 -36.51 11.30
C ILE C 72 -8.01 -37.33 12.12
N VAL C 73 -8.50 -36.75 13.21
CA VAL C 73 -9.42 -37.49 14.10
C VAL C 73 -10.61 -38.00 13.28
N ALA C 74 -10.87 -39.31 13.43
CA ALA C 74 -12.02 -39.98 12.84
C ALA C 74 -13.33 -39.52 13.53
N LEU C 75 -14.40 -39.48 12.74
CA LEU C 75 -15.74 -39.20 13.20
C LEU C 75 -16.57 -40.50 13.08
N TYR C 76 -17.11 -40.99 14.20
CA TYR C 76 -17.80 -42.28 14.19
C TYR C 76 -19.31 -42.10 14.20
N ASP C 77 -19.81 -41.05 14.87
CA ASP C 77 -21.22 -40.88 14.96
C ASP C 77 -21.54 -39.43 15.24
N VAL C 78 -22.78 -39.06 14.90
CA VAL C 78 -23.36 -37.76 15.17
C VAL C 78 -24.74 -37.99 15.78
N GLN C 79 -25.04 -37.33 16.87
CA GLN C 79 -26.38 -37.37 17.47
C GLN C 79 -26.85 -35.92 17.64
N GLU C 80 -27.86 -35.57 16.86
CA GLU C 80 -28.42 -34.26 16.73
C GLU C 80 -29.63 -34.22 17.67
N LEU C 81 -29.69 -33.18 18.51
CA LEU C 81 -30.78 -32.92 19.44
C LEU C 81 -31.27 -31.50 19.19
N PRO C 82 -32.40 -31.04 19.77
CA PRO C 82 -32.93 -29.73 19.40
C PRO C 82 -31.94 -28.59 19.70
N ASN C 83 -31.21 -28.67 20.81
CA ASN C 83 -30.40 -27.55 21.32
C ASN C 83 -28.90 -27.86 21.32
N SER C 84 -28.55 -29.11 20.96
CA SER C 84 -27.21 -29.71 21.09
C SER C 84 -26.90 -30.57 19.86
N VAL C 85 -25.62 -30.75 19.58
CA VAL C 85 -25.20 -31.83 18.73
C VAL C 85 -23.96 -32.48 19.35
N PHE C 86 -23.93 -33.81 19.27
CA PHE C 86 -22.83 -34.60 19.77
C PHE C 86 -22.08 -35.17 18.58
N LEU C 87 -20.75 -35.07 18.65
CA LEU C 87 -19.88 -35.72 17.72
C LEU C 87 -19.10 -36.75 18.51
N VAL C 88 -19.14 -38.00 18.04
CA VAL C 88 -18.37 -39.07 18.64
C VAL C 88 -17.18 -39.31 17.73
N MET C 89 -15.97 -39.09 18.30
CA MET C 89 -14.79 -39.01 17.52
C MET C 89 -13.72 -39.91 18.14
N GLU C 90 -12.63 -40.10 17.38
CA GLU C 90 -11.45 -40.80 17.80
C GLU C 90 -10.87 -40.12 19.05
N TYR C 91 -10.53 -40.93 20.05
CA TYR C 91 -9.90 -40.48 21.29
C TYR C 91 -8.39 -40.66 21.15
N CYS C 92 -7.65 -39.61 21.50
CA CYS C 92 -6.20 -39.58 21.44
C CYS C 92 -5.69 -39.69 22.88
N ASN C 93 -5.14 -40.85 23.22
CA ASN C 93 -4.88 -41.19 24.63
C ASN C 93 -3.65 -40.49 25.18
N GLY C 94 -2.91 -39.77 24.34
CA GLY C 94 -1.73 -39.07 24.78
C GLY C 94 -1.98 -37.59 25.09
N GLY C 95 -3.21 -37.08 24.88
CA GLY C 95 -3.44 -35.65 25.11
C GLY C 95 -2.97 -34.82 23.91
N ASP C 96 -2.69 -33.55 24.14
CA ASP C 96 -2.35 -32.64 23.10
C ASP C 96 -0.85 -32.32 23.14
N LEU C 97 -0.39 -31.63 22.09
CA LEU C 97 1.01 -31.28 21.95
C LEU C 97 1.40 -30.30 23.07
N ALA C 98 0.46 -29.47 23.54
CA ALA C 98 0.74 -28.53 24.60
C ALA C 98 1.10 -29.29 25.87
N ASP C 99 0.35 -30.35 26.21
CA ASP C 99 0.64 -31.16 27.39
C ASP C 99 2.06 -31.72 27.28
N TYR C 100 2.37 -32.27 26.11
CA TYR C 100 3.64 -32.89 25.84
C TYR C 100 4.78 -31.86 26.02
N LEU C 101 4.61 -30.64 25.49
CA LEU C 101 5.65 -29.63 25.59
C LEU C 101 5.79 -29.19 27.05
N GLN C 102 4.67 -29.12 27.75
CA GLN C 102 4.70 -28.73 29.18
C GLN C 102 5.57 -29.74 29.96
N ALA C 103 5.46 -31.02 29.59
CA ALA C 103 6.14 -32.08 30.28
C ALA C 103 7.60 -32.15 29.88
N LYS C 104 7.93 -31.86 28.61
CA LYS C 104 9.24 -32.23 28.05
C LYS C 104 10.10 -30.99 27.78
N GLY C 105 9.48 -29.84 27.52
CA GLY C 105 10.23 -28.62 27.09
C GLY C 105 10.56 -28.67 25.60
N THR C 106 11.73 -28.15 25.23
CA THR C 106 12.13 -28.10 23.86
C THR C 106 12.42 -29.51 23.37
N LEU C 107 12.18 -29.77 22.09
CA LEU C 107 12.39 -31.08 21.47
C LEU C 107 13.57 -31.01 20.51
N SER C 108 14.20 -32.17 20.26
CA SER C 108 15.26 -32.24 19.24
C SER C 108 14.67 -31.90 17.88
N GLU C 109 15.55 -31.54 16.94
CA GLU C 109 15.18 -31.35 15.57
C GLU C 109 14.60 -32.66 15.00
N ASP C 110 15.20 -33.80 15.40
CA ASP C 110 14.77 -35.10 14.89
C ASP C 110 13.33 -35.41 15.35
N THR C 111 13.02 -35.07 16.61
CA THR C 111 11.66 -35.28 17.16
C THR C 111 10.68 -34.36 16.44
N ILE C 112 11.09 -33.09 16.25
CA ILE C 112 10.29 -32.14 15.54
C ILE C 112 9.99 -32.70 14.14
N ARG C 113 10.99 -33.26 13.49
CA ARG C 113 10.82 -33.75 12.13
C ARG C 113 9.80 -34.91 12.09
N VAL C 114 9.90 -35.84 13.06
CA VAL C 114 8.95 -36.98 13.14
C VAL C 114 7.52 -36.46 13.28
N PHE C 115 7.29 -35.55 14.22
CA PHE C 115 5.98 -34.92 14.39
C PHE C 115 5.55 -34.19 13.10
N LEU C 116 6.46 -33.41 12.53
CA LEU C 116 6.14 -32.51 11.45
C LEU C 116 5.76 -33.33 10.20
N HIS C 117 6.40 -34.48 9.99
CA HIS C 117 6.02 -35.35 8.90
CA HIS C 117 6.04 -35.41 8.91
C HIS C 117 4.53 -35.70 8.97
N GLN C 118 4.03 -35.98 10.20
CA GLN C 118 2.65 -36.38 10.36
C GLN C 118 1.73 -35.18 10.24
N ILE C 119 2.12 -34.03 10.81
CA ILE C 119 1.32 -32.85 10.70
C ILE C 119 1.21 -32.48 9.22
N ALA C 120 2.34 -32.62 8.49
CA ALA C 120 2.40 -32.27 7.07
C ALA C 120 1.46 -33.18 6.27
N ALA C 121 1.44 -34.47 6.61
CA ALA C 121 0.53 -35.42 5.95
C ALA C 121 -0.95 -34.99 6.13
N ALA C 122 -1.32 -34.55 7.33
CA ALA C 122 -2.68 -34.04 7.57
C ALA C 122 -2.90 -32.77 6.72
N MET C 123 -1.91 -31.88 6.72
CA MET C 123 -2.06 -30.61 6.03
C MET C 123 -2.17 -30.84 4.51
N ARG C 124 -1.51 -31.88 4.02
CA ARG C 124 -1.59 -32.30 2.61
C ARG C 124 -3.03 -32.63 2.23
N ILE C 125 -3.72 -33.45 3.05
CA ILE C 125 -5.11 -33.82 2.71
C ILE C 125 -6.00 -32.58 2.81
N LEU C 126 -5.82 -31.75 3.83
CA LEU C 126 -6.60 -30.52 3.97
C LEU C 126 -6.40 -29.63 2.74
N HIS C 127 -5.14 -29.53 2.26
CA HIS C 127 -4.80 -28.68 1.10
C HIS C 127 -5.48 -29.23 -0.16
N SER C 128 -5.39 -30.53 -0.39
CA SER C 128 -6.10 -31.21 -1.48
C SER C 128 -7.60 -30.84 -1.53
N LYS C 129 -8.24 -30.71 -0.34
CA LYS C 129 -9.68 -30.56 -0.27
C LYS C 129 -10.08 -29.09 -0.18
N GLY C 130 -9.11 -28.18 -0.11
CA GLY C 130 -9.38 -26.78 -0.03
C GLY C 130 -9.89 -26.38 1.35
N ILE C 131 -9.41 -27.06 2.39
CA ILE C 131 -9.80 -26.73 3.77
C ILE C 131 -8.64 -26.05 4.45
N ILE C 132 -8.92 -24.93 5.09
CA ILE C 132 -7.98 -24.30 5.98
C ILE C 132 -8.56 -24.38 7.41
N HIS C 133 -7.74 -24.89 8.33
CA HIS C 133 -8.12 -25.15 9.70
C HIS C 133 -8.36 -23.85 10.46
N ARG C 134 -7.39 -22.92 10.32
CA ARG C 134 -7.43 -21.51 10.73
C ARG C 134 -7.21 -21.34 12.23
N ASP C 135 -7.12 -22.45 12.99
CA ASP C 135 -6.87 -22.35 14.41
C ASP C 135 -5.92 -23.46 14.87
N LEU C 136 -4.96 -23.86 14.03
CA LEU C 136 -3.98 -24.84 14.41
C LEU C 136 -3.16 -24.31 15.57
N LYS C 137 -2.89 -25.20 16.52
CA LYS C 137 -2.16 -24.81 17.70
C LYS C 137 -1.86 -26.05 18.54
N PRO C 138 -0.95 -25.95 19.53
CA PRO C 138 -0.56 -27.13 20.32
C PRO C 138 -1.77 -27.81 20.97
N GLN C 139 -2.84 -27.06 21.25
CA GLN C 139 -4.02 -27.58 21.96
C GLN C 139 -4.92 -28.43 21.06
N ASN C 140 -4.72 -28.44 19.75
CA ASN C 140 -5.55 -29.29 18.86
C ASN C 140 -4.68 -30.15 17.94
N ILE C 141 -3.40 -30.27 18.26
CA ILE C 141 -2.53 -31.26 17.66
C ILE C 141 -2.36 -32.35 18.71
N LEU C 142 -2.97 -33.51 18.48
CA LEU C 142 -3.16 -34.51 19.52
C LEU C 142 -2.23 -35.71 19.30
N LEU C 143 -1.92 -36.39 20.40
CA LEU C 143 -1.01 -37.55 20.45
C LEU C 143 -1.81 -38.80 20.79
N SER C 144 -1.58 -39.86 20.04
CA SER C 144 -2.21 -41.15 20.22
C SER C 144 -1.13 -42.24 20.26
N TYR C 145 -1.14 -43.04 21.35
CA TYR C 145 -0.22 -44.20 21.50
C TYR C 145 -1.04 -45.49 21.30
N ALA C 146 -0.81 -46.22 20.22
CA ALA C 146 -1.65 -47.40 19.85
C ALA C 146 -1.32 -48.55 20.80
N ASN C 147 -0.10 -48.50 21.32
CA ASN C 147 0.35 -49.35 22.39
C ASN C 147 0.97 -48.44 23.47
N ARG C 148 0.29 -48.32 24.61
CA ARG C 148 0.65 -47.43 25.71
C ARG C 148 2.03 -47.77 26.31
N ARG C 149 2.44 -49.04 26.14
CA ARG C 149 3.76 -49.53 26.51
C ARG C 149 4.85 -48.93 25.60
N LYS C 150 4.60 -48.82 24.28
CA LYS C 150 5.52 -48.18 23.29
C LYS C 150 5.33 -46.65 23.30
N SER C 151 5.98 -45.96 24.27
CA SER C 151 5.72 -44.54 24.52
C SER C 151 6.95 -43.68 24.16
N SER C 152 7.90 -44.25 23.41
CA SER C 152 8.93 -43.44 22.82
C SER C 152 8.32 -42.67 21.62
N VAL C 153 9.12 -41.76 21.05
CA VAL C 153 8.70 -40.87 19.97
C VAL C 153 8.11 -41.68 18.80
N SER C 154 8.71 -42.83 18.49
CA SER C 154 8.28 -43.73 17.39
C SER C 154 6.91 -44.37 17.68
N GLY C 155 6.47 -44.36 18.93
CA GLY C 155 5.12 -44.86 19.29
C GLY C 155 4.01 -43.81 19.16
N ILE C 156 4.38 -42.56 18.89
CA ILE C 156 3.39 -41.43 18.86
C ILE C 156 2.78 -41.31 17.46
N ARG C 157 1.45 -41.33 17.38
CA ARG C 157 0.74 -40.89 16.15
C ARG C 157 0.03 -39.54 16.41
N ILE C 158 0.23 -38.59 15.49
CA ILE C 158 -0.33 -37.28 15.61
C ILE C 158 -1.69 -37.28 14.89
N LYS C 159 -2.69 -36.62 15.50
CA LYS C 159 -3.94 -36.37 14.86
C LYS C 159 -4.34 -34.91 15.08
N ILE C 160 -4.76 -34.27 14.00
CA ILE C 160 -5.29 -32.96 14.06
C ILE C 160 -6.78 -33.06 14.42
N ALA C 161 -7.22 -32.14 15.29
CA ALA C 161 -8.59 -32.04 15.77
C ALA C 161 -9.10 -30.59 15.70
N ASP C 162 -10.38 -30.45 16.05
CA ASP C 162 -11.12 -29.24 16.27
C ASP C 162 -11.20 -28.39 14.99
N PHE C 163 -12.15 -28.77 14.12
CA PHE C 163 -12.34 -28.15 12.84
C PHE C 163 -13.52 -27.16 12.88
N GLY C 164 -13.88 -26.65 14.06
CA GLY C 164 -15.04 -25.80 14.18
C GLY C 164 -14.77 -24.38 13.67
N PHE C 165 -13.52 -24.00 13.46
CA PHE C 165 -13.18 -22.70 12.94
C PHE C 165 -12.74 -22.83 11.46
N ALA C 166 -12.73 -24.06 10.93
CA ALA C 166 -12.22 -24.33 9.60
C ALA C 166 -13.18 -23.77 8.53
N ARG C 167 -12.60 -23.45 7.37
CA ARG C 167 -13.36 -22.90 6.25
C ARG C 167 -12.86 -23.52 4.95
N TYR C 168 -13.77 -23.62 3.97
CA TYR C 168 -13.44 -24.06 2.66
C TYR C 168 -12.98 -22.85 1.82
N LEU C 169 -11.82 -22.98 1.16
CA LEU C 169 -11.21 -21.90 0.32
C LEU C 169 -12.20 -21.28 -0.67
N HIS C 170 -13.00 -22.13 -1.33
CA HIS C 170 -13.75 -21.67 -2.49
C HIS C 170 -15.15 -21.18 -2.09
N SER C 171 -15.47 -21.19 -0.78
CA SER C 171 -16.85 -20.95 -0.36
C SER C 171 -17.31 -19.53 -0.74
N ASN C 172 -16.48 -18.50 -0.52
CA ASN C 172 -16.90 -17.09 -0.84
C ASN C 172 -17.12 -16.95 -2.36
N MET C 173 -16.20 -17.52 -3.15
CA MET C 173 -16.31 -17.52 -4.62
C MET C 173 -17.61 -18.25 -5.03
N MET C 174 -17.93 -19.36 -4.33
CA MET C 174 -19.12 -20.16 -4.65
C MET C 174 -20.39 -19.36 -4.28
N ALA C 175 -20.39 -18.70 -3.12
CA ALA C 175 -21.51 -17.85 -2.67
C ALA C 175 -21.85 -16.83 -3.77
N ALA C 176 -20.80 -16.16 -4.28
CA ALA C 176 -20.93 -15.11 -5.31
C ALA C 176 -21.61 -15.67 -6.57
N ASP C 177 -21.14 -16.83 -7.04
CA ASP C 177 -21.71 -17.47 -8.25
C ASP C 177 -23.19 -17.81 -8.04
N LEU C 178 -23.55 -18.20 -6.81
CA LEU C 178 -24.87 -18.80 -6.48
C LEU C 178 -25.87 -17.70 -6.11
N CYS C 179 -25.37 -16.46 -5.89
CA CYS C 179 -26.20 -15.35 -5.40
C CYS C 179 -25.97 -14.13 -6.30
N GLY C 180 -26.48 -14.28 -7.52
CA GLY C 180 -26.33 -13.31 -8.59
C GLY C 180 -25.02 -13.50 -9.34
N SER C 181 -24.22 -12.43 -9.39
CA SER C 181 -22.89 -12.41 -10.03
C SER C 181 -22.16 -11.14 -9.58
N PRO C 182 -21.06 -11.27 -8.79
CA PRO C 182 -20.58 -10.18 -7.93
C PRO C 182 -19.97 -8.93 -8.62
N MET C 183 -20.86 -8.17 -9.23
CA MET C 183 -20.54 -6.87 -9.79
C MET C 183 -20.40 -5.81 -8.67
N TYR C 184 -20.93 -6.11 -7.48
CA TYR C 184 -21.15 -5.09 -6.45
C TYR C 184 -20.27 -5.37 -5.23
N MET C 185 -19.73 -6.58 -5.17
CA MET C 185 -18.99 -7.05 -4.04
C MET C 185 -17.63 -6.32 -3.99
N ALA C 186 -17.14 -6.04 -2.79
CA ALA C 186 -15.85 -5.36 -2.61
C ALA C 186 -14.71 -6.28 -3.08
N PRO C 187 -13.66 -5.74 -3.74
CA PRO C 187 -12.45 -6.53 -4.06
C PRO C 187 -11.95 -7.42 -2.92
N GLU C 188 -11.84 -6.85 -1.72
CA GLU C 188 -11.27 -7.56 -0.61
C GLU C 188 -12.20 -8.71 -0.15
N VAL C 189 -13.49 -8.66 -0.53
CA VAL C 189 -14.40 -9.75 -0.20
C VAL C 189 -14.22 -10.89 -1.22
N ILE C 190 -14.23 -10.53 -2.50
CA ILE C 190 -13.98 -11.45 -3.63
C ILE C 190 -12.65 -12.23 -3.43
N MET C 191 -11.64 -11.60 -2.81
CA MET C 191 -10.23 -12.09 -2.78
C MET C 191 -9.91 -12.87 -1.49
N SER C 192 -10.93 -13.31 -0.77
CA SER C 192 -10.76 -14.19 0.42
C SER C 192 -10.05 -15.52 0.04
N GLN C 193 -10.35 -16.03 -1.16
CA GLN C 193 -9.77 -17.31 -1.61
C GLN C 193 -8.24 -17.21 -1.54
N HIS C 194 -7.68 -16.08 -1.96
CA HIS C 194 -6.22 -15.88 -2.01
C HIS C 194 -5.73 -15.10 -0.77
N TYR C 195 -6.41 -15.25 0.38
CA TYR C 195 -6.20 -14.34 1.51
C TYR C 195 -5.74 -15.13 2.73
N ASP C 196 -6.50 -16.17 3.07
CA ASP C 196 -6.17 -17.00 4.20
C ASP C 196 -5.74 -18.39 3.72
N ALA C 197 -5.42 -18.54 2.42
CA ALA C 197 -5.12 -19.84 1.86
C ALA C 197 -3.90 -20.46 2.57
N LYS C 198 -3.01 -19.60 3.12
CA LYS C 198 -1.76 -20.05 3.76
C LYS C 198 -1.78 -19.84 5.30
N ALA C 199 -2.94 -19.60 5.87
CA ALA C 199 -3.05 -19.34 7.32
C ALA C 199 -2.41 -20.48 8.14
N ASP C 200 -2.64 -21.74 7.74
CA ASP C 200 -2.16 -22.85 8.52
C ASP C 200 -0.63 -22.97 8.42
N LEU C 201 -0.03 -22.50 7.33
CA LEU C 201 1.44 -22.50 7.19
C LEU C 201 2.06 -21.59 8.25
N TRP C 202 1.45 -20.43 8.50
CA TRP C 202 1.92 -19.57 9.59
C TRP C 202 1.81 -20.30 10.93
N SER C 203 0.62 -20.83 11.20
CA SER C 203 0.37 -21.49 12.46
C SER C 203 1.43 -22.59 12.68
N ILE C 204 1.69 -23.41 11.65
CA ILE C 204 2.58 -24.56 11.83
C ILE C 204 3.98 -24.03 12.08
N GLY C 205 4.31 -22.90 11.45
CA GLY C 205 5.52 -22.19 11.76
C GLY C 205 5.63 -21.90 13.23
N THR C 206 4.57 -21.35 13.84
CA THR C 206 4.64 -20.94 15.26
C THR C 206 4.78 -22.19 16.14
N VAL C 207 4.17 -23.30 15.73
CA VAL C 207 4.18 -24.54 16.51
C VAL C 207 5.58 -25.13 16.48
N ILE C 208 6.17 -25.20 15.28
CA ILE C 208 7.53 -25.74 15.14
C ILE C 208 8.49 -24.89 16.00
N TYR C 209 8.34 -23.56 15.88
CA TYR C 209 9.16 -22.61 16.65
C TYR C 209 9.03 -22.93 18.14
N GLN C 210 7.81 -23.10 18.61
CA GLN C 210 7.61 -23.35 20.04
C GLN C 210 8.26 -24.69 20.43
N CYS C 211 8.12 -25.70 19.59
CA CYS C 211 8.79 -26.97 19.86
C CYS C 211 10.31 -26.79 20.00
N LEU C 212 10.90 -25.93 19.16
CA LEU C 212 12.36 -25.77 19.09
C LEU C 212 12.87 -24.90 20.25
N VAL C 213 12.15 -23.82 20.55
CA VAL C 213 12.66 -22.74 21.41
C VAL C 213 11.98 -22.70 22.77
N GLY C 214 10.74 -23.18 22.85
CA GLY C 214 10.06 -23.37 24.16
C GLY C 214 9.02 -22.29 24.44
N LYS C 215 8.88 -21.30 23.55
CA LYS C 215 7.77 -20.35 23.57
C LYS C 215 7.36 -20.05 22.12
N PRO C 216 6.17 -19.44 21.89
CA PRO C 216 5.79 -18.95 20.57
C PRO C 216 6.74 -17.83 20.11
N PRO C 217 6.92 -17.60 18.79
CA PRO C 217 7.86 -16.57 18.33
C PRO C 217 7.44 -15.13 18.67
N PHE C 218 6.15 -14.87 18.85
CA PHE C 218 5.64 -13.53 19.10
C PHE C 218 4.57 -13.59 20.19
N GLN C 219 4.87 -13.08 21.39
CA GLN C 219 3.98 -13.20 22.57
C GLN C 219 3.34 -11.84 22.89
N ALA C 220 2.15 -11.86 23.51
CA ALA C 220 1.44 -10.64 23.97
C ALA C 220 0.45 -11.02 25.08
N ASN C 221 0.12 -10.05 25.95
CA ASN C 221 -0.74 -10.26 27.14
C ASN C 221 -2.14 -10.77 26.73
N SER C 222 -2.71 -10.14 25.68
CA SER C 222 -4.09 -10.39 25.29
C SER C 222 -4.18 -10.51 23.77
N PRO C 223 -5.29 -11.09 23.24
CA PRO C 223 -5.58 -11.06 21.80
C PRO C 223 -5.53 -9.68 21.11
N GLN C 224 -6.01 -8.62 21.79
CA GLN C 224 -6.05 -7.27 21.17
C GLN C 224 -4.63 -6.70 21.15
N ASP C 225 -3.80 -7.05 22.15
CA ASP C 225 -2.38 -6.64 22.19
C ASP C 225 -1.61 -7.26 21.02
N LEU C 226 -1.87 -8.55 20.75
CA LEU C 226 -1.18 -9.25 19.65
C LEU C 226 -1.65 -8.69 18.30
N ARG C 227 -2.95 -8.39 18.20
CA ARG C 227 -3.52 -7.76 17.01
C ARG C 227 -2.80 -6.43 16.78
N MET C 228 -2.62 -5.62 17.85
CA MET C 228 -1.94 -4.29 17.79
C MET C 228 -0.52 -4.48 17.21
N PHE C 229 0.16 -5.51 17.72
CA PHE C 229 1.55 -5.82 17.38
C PHE C 229 1.68 -6.11 15.88
N TYR C 230 0.85 -7.05 15.40
CA TYR C 230 0.87 -7.50 13.98
C TYR C 230 0.53 -6.31 13.06
N GLU C 231 -0.38 -5.46 13.52
CA GLU C 231 -0.83 -4.26 12.78
C GLU C 231 0.34 -3.26 12.68
N LYS C 232 1.02 -3.01 13.82
CA LYS C 232 2.09 -2.00 13.95
C LYS C 232 3.40 -2.43 13.28
N ASN C 233 3.66 -3.75 13.23
CA ASN C 233 4.89 -4.30 12.67
C ASN C 233 4.55 -5.05 11.36
N ARG C 234 5.04 -4.52 10.23
CA ARG C 234 4.66 -4.98 8.87
C ARG C 234 5.67 -6.02 8.37
N SER C 235 6.83 -6.09 9.00
CA SER C 235 7.75 -7.22 8.85
C SER C 235 8.09 -7.77 10.24
N LEU C 236 8.39 -9.06 10.30
CA LEU C 236 8.65 -9.72 11.57
C LEU C 236 9.73 -10.80 11.39
N MET C 237 10.85 -10.63 12.09
CA MET C 237 11.95 -11.59 12.16
C MET C 237 11.83 -12.41 13.46
N PRO C 238 11.45 -13.72 13.40
CA PRO C 238 11.52 -14.57 14.60
C PRO C 238 12.99 -14.74 15.05
N SER C 239 13.22 -14.76 16.36
CA SER C 239 14.54 -14.96 16.90
C SER C 239 14.90 -16.46 16.91
N ILE C 240 15.71 -16.90 15.93
CA ILE C 240 16.07 -18.32 15.75
C ILE C 240 17.43 -18.60 16.38
N PRO C 241 17.56 -19.61 17.30
CA PRO C 241 18.88 -19.90 17.88
C PRO C 241 19.91 -20.25 16.81
N ARG C 242 21.15 -19.75 17.01
CA ARG C 242 22.23 -19.85 16.01
C ARG C 242 22.59 -21.32 15.72
N GLU C 243 22.35 -22.20 16.70
CA GLU C 243 22.67 -23.62 16.53
C GLU C 243 21.59 -24.35 15.70
N THR C 244 20.46 -23.69 15.37
CA THR C 244 19.41 -24.33 14.54
C THR C 244 20.02 -24.77 13.20
N SER C 245 19.70 -25.99 12.72
CA SER C 245 20.18 -26.45 11.43
C SER C 245 19.77 -25.47 10.33
N PRO C 246 20.56 -25.34 9.25
CA PRO C 246 20.17 -24.45 8.15
C PRO C 246 18.81 -24.78 7.53
N TYR C 247 18.45 -26.06 7.39
CA TYR C 247 17.16 -26.41 6.78
C TYR C 247 15.97 -25.97 7.69
N LEU C 248 16.11 -26.15 9.01
CA LEU C 248 15.01 -25.82 9.93
C LEU C 248 14.88 -24.31 10.04
N ALA C 249 16.02 -23.60 10.06
CA ALA C 249 16.01 -22.14 10.09
C ALA C 249 15.25 -21.63 8.86
N ASN C 250 15.60 -22.17 7.68
CA ASN C 250 14.99 -21.82 6.40
C ASN C 250 13.47 -22.08 6.47
N LEU C 251 13.10 -23.25 7.00
CA LEU C 251 11.66 -23.61 7.11
C LEU C 251 10.89 -22.61 7.98
N LEU C 252 11.44 -22.27 9.13
CA LEU C 252 10.84 -21.31 10.05
C LEU C 252 10.73 -19.91 9.42
N LEU C 253 11.80 -19.46 8.74
CA LEU C 253 11.81 -18.08 8.20
C LEU C 253 10.75 -17.97 7.09
N GLY C 254 10.60 -19.04 6.32
CA GLY C 254 9.66 -19.04 5.19
C GLY C 254 8.22 -19.21 5.63
N LEU C 255 7.99 -19.91 6.75
CA LEU C 255 6.64 -20.07 7.29
C LEU C 255 6.21 -18.81 8.04
N LEU C 256 7.12 -18.20 8.82
CA LEU C 256 6.78 -17.06 9.65
C LEU C 256 7.00 -15.72 8.89
N GLN C 257 6.41 -15.62 7.70
CA GLN C 257 6.30 -14.39 6.92
C GLN C 257 4.94 -13.74 7.19
N ARG C 258 4.96 -12.52 7.74
CA ARG C 258 3.79 -11.78 8.11
C ARG C 258 2.82 -11.69 6.90
N ASN C 259 3.36 -11.50 5.71
CA ASN C 259 2.57 -11.27 4.52
CA ASN C 259 2.55 -11.27 4.52
C ASN C 259 2.49 -12.58 3.71
N GLN C 260 1.26 -12.98 3.38
CA GLN C 260 0.88 -14.15 2.58
C GLN C 260 1.79 -14.29 1.37
N LYS C 261 1.97 -13.19 0.65
CA LYS C 261 2.59 -13.22 -0.67
C LYS C 261 4.05 -13.68 -0.54
N ASP C 262 4.66 -13.41 0.62
CA ASP C 262 6.06 -13.73 0.84
C ASP C 262 6.20 -15.12 1.48
N ARG C 263 5.12 -15.66 2.04
CA ARG C 263 5.16 -16.89 2.80
C ARG C 263 5.45 -18.05 1.83
N MET C 264 6.19 -19.03 2.34
CA MET C 264 6.43 -20.31 1.69
C MET C 264 5.12 -20.92 1.11
N ASP C 265 5.20 -21.42 -0.13
CA ASP C 265 4.12 -22.17 -0.85
C ASP C 265 3.96 -23.56 -0.21
N PHE C 266 2.82 -24.17 -0.47
CA PHE C 266 2.52 -25.51 0.01
C PHE C 266 3.48 -26.54 -0.60
N GLU C 267 3.75 -26.44 -1.91
CA GLU C 267 4.59 -27.40 -2.62
C GLU C 267 6.00 -27.45 -1.98
N ALA C 268 6.50 -26.26 -1.63
CA ALA C 268 7.80 -26.06 -1.02
C ALA C 268 7.80 -26.57 0.42
N PHE C 269 6.69 -26.33 1.13
CA PHE C 269 6.54 -26.86 2.49
C PHE C 269 6.59 -28.40 2.46
N PHE C 270 5.75 -29.01 1.63
CA PHE C 270 5.61 -30.49 1.64
C PHE C 270 6.90 -31.16 1.18
N SER C 271 7.67 -30.50 0.32
CA SER C 271 8.90 -31.06 -0.21
C SER C 271 10.14 -30.48 0.49
N HIS C 272 9.95 -29.78 1.61
CA HIS C 272 11.03 -29.01 2.16
C HIS C 272 12.16 -29.95 2.54
N PRO C 273 13.43 -29.56 2.29
CA PRO C 273 14.58 -30.41 2.66
C PRO C 273 14.62 -30.84 4.13
N PHE C 274 14.09 -30.03 5.04
CA PHE C 274 14.01 -30.47 6.46
C PHE C 274 13.22 -31.80 6.57
N LEU C 275 12.19 -31.99 5.73
CA LEU C 275 11.33 -33.19 5.74
C LEU C 275 11.97 -34.34 4.94
N GLU C 276 12.66 -33.99 3.84
CA GLU C 276 13.14 -34.94 2.83
C GLU C 276 14.27 -35.79 3.40
N GLN C 277 15.07 -35.21 4.28
CA GLN C 277 16.20 -35.93 4.86
C GLN C 277 15.69 -36.97 5.86
N GLY C 278 16.60 -37.89 6.20
CA GLY C 278 16.37 -38.85 7.28
C GLY C 278 16.86 -38.30 8.61
N PRO C 279 16.70 -39.05 9.72
CA PRO C 279 17.37 -38.71 10.98
C PRO C 279 18.88 -38.92 10.89
N MET D 5 -52.57 -22.94 0.18
CA MET D 5 -51.62 -22.04 0.90
C MET D 5 -50.73 -22.88 1.83
N GLU D 6 -49.44 -22.57 1.86
CA GLU D 6 -48.55 -23.11 2.85
C GLU D 6 -48.67 -22.31 4.14
N VAL D 7 -48.73 -23.02 5.26
CA VAL D 7 -48.94 -22.43 6.54
C VAL D 7 -47.60 -22.37 7.25
N VAL D 8 -47.27 -21.18 7.81
CA VAL D 8 -46.07 -20.96 8.60
C VAL D 8 -46.47 -20.22 9.85
N GLY D 9 -46.63 -20.95 10.95
CA GLY D 9 -47.26 -20.43 12.17
C GLY D 9 -48.55 -19.70 11.91
N ASP D 10 -48.58 -18.41 12.29
CA ASP D 10 -49.73 -17.52 12.13
C ASP D 10 -49.81 -16.90 10.73
N PHE D 11 -48.95 -17.34 9.80
CA PHE D 11 -48.83 -16.74 8.45
C PHE D 11 -49.03 -17.83 7.39
N GLU D 12 -49.17 -17.39 6.14
CA GLU D 12 -49.33 -18.30 5.04
C GLU D 12 -48.83 -17.64 3.76
N TYR D 13 -48.52 -18.48 2.77
CA TYR D 13 -48.15 -17.99 1.47
C TYR D 13 -48.52 -19.01 0.40
N SER D 14 -48.62 -18.53 -0.84
CA SER D 14 -48.72 -19.38 -2.00
C SER D 14 -47.35 -19.52 -2.67
N LYS D 15 -47.05 -20.74 -3.13
CA LYS D 15 -45.82 -21.03 -3.85
C LYS D 15 -45.72 -20.19 -5.13
N ARG D 16 -46.85 -19.66 -5.63
CA ARG D 16 -46.85 -18.85 -6.84
C ARG D 16 -46.25 -17.46 -6.62
N ASP D 17 -46.17 -16.98 -5.37
CA ASP D 17 -45.83 -15.58 -5.09
C ASP D 17 -44.35 -15.47 -4.67
N LEU D 18 -43.47 -16.13 -5.44
CA LEU D 18 -42.00 -16.07 -5.24
C LEU D 18 -41.51 -14.64 -5.50
N VAL D 19 -40.72 -14.07 -4.58
CA VAL D 19 -40.13 -12.73 -4.83
C VAL D 19 -38.59 -12.78 -4.84
N GLY D 20 -38.00 -13.91 -4.47
CA GLY D 20 -36.58 -14.07 -4.64
C GLY D 20 -36.13 -15.47 -4.29
N HIS D 21 -34.89 -15.80 -4.66
CA HIS D 21 -34.29 -17.05 -4.26
C HIS D 21 -32.77 -16.87 -4.21
N GLY D 22 -32.12 -17.69 -3.40
CA GLY D 22 -30.73 -17.71 -3.26
C GLY D 22 -30.23 -19.12 -3.11
N ALA D 23 -29.03 -19.30 -2.57
N ALA D 23 -29.04 -19.17 -2.50
CA ALA D 23 -28.34 -20.61 -2.67
CA ALA D 23 -28.36 -20.31 -1.92
C ALA D 23 -29.24 -21.75 -2.13
C ALA D 23 -29.20 -20.86 -0.78
N PHE D 24 -29.67 -21.56 -0.88
N PHE D 24 -29.95 -21.92 -1.10
CA PHE D 24 -30.42 -22.53 -0.11
CA PHE D 24 -30.63 -22.73 -0.13
C PHE D 24 -31.69 -21.89 0.49
C PHE D 24 -31.74 -21.91 0.52
N ALA D 25 -32.28 -20.93 -0.22
CA ALA D 25 -33.35 -20.11 0.32
C ALA D 25 -34.29 -19.65 -0.80
N VAL D 26 -35.58 -19.50 -0.44
CA VAL D 26 -36.59 -18.92 -1.28
C VAL D 26 -37.39 -17.95 -0.41
N VAL D 27 -37.89 -16.89 -1.05
CA VAL D 27 -38.67 -15.91 -0.36
C VAL D 27 -39.97 -15.74 -1.12
N PHE D 28 -41.09 -15.78 -0.37
CA PHE D 28 -42.43 -15.62 -0.91
C PHE D 28 -43.14 -14.45 -0.24
N ARG D 29 -43.95 -13.73 -1.00
CA ARG D 29 -44.94 -12.83 -0.43
C ARG D 29 -46.01 -13.70 0.22
N GLY D 30 -46.34 -13.41 1.48
CA GLY D 30 -47.43 -14.01 2.16
C GLY D 30 -48.20 -13.01 2.98
N ARG D 31 -48.97 -13.52 3.94
CA ARG D 31 -49.86 -12.71 4.76
C ARG D 31 -50.16 -13.43 6.07
N HIS D 32 -50.56 -12.63 7.08
CA HIS D 32 -51.10 -13.17 8.31
C HIS D 32 -52.42 -13.89 7.98
N ARG D 33 -52.66 -15.04 8.62
CA ARG D 33 -53.80 -15.91 8.29
C ARG D 33 -55.13 -15.29 8.73
N GLN D 34 -55.13 -14.46 9.78
CA GLN D 34 -56.31 -13.73 10.24
C GLN D 34 -56.32 -12.30 9.65
N LYS D 35 -55.28 -11.51 9.92
CA LYS D 35 -55.16 -10.14 9.41
C LYS D 35 -54.54 -10.21 8.01
N THR D 36 -55.36 -10.59 7.02
CA THR D 36 -54.90 -10.98 5.69
C THR D 36 -54.45 -9.75 4.87
N ASP D 37 -54.64 -8.55 5.42
CA ASP D 37 -54.16 -7.31 4.83
C ASP D 37 -52.73 -7.00 5.32
N TRP D 38 -52.26 -7.71 6.35
CA TRP D 38 -50.86 -7.63 6.78
C TRP D 38 -50.03 -8.56 5.90
N GLU D 39 -49.35 -7.98 4.91
CA GLU D 39 -48.47 -8.68 4.01
C GLU D 39 -47.10 -8.86 4.67
N VAL D 40 -46.49 -10.01 4.41
CA VAL D 40 -45.18 -10.34 4.95
C VAL D 40 -44.35 -11.00 3.84
N ALA D 41 -43.04 -11.05 4.04
CA ALA D 41 -42.16 -11.84 3.20
C ALA D 41 -41.70 -13.05 4.00
N ILE D 42 -41.87 -14.24 3.45
CA ILE D 42 -41.54 -15.47 4.17
C ILE D 42 -40.40 -16.17 3.45
N LYS D 43 -39.32 -16.37 4.20
CA LYS D 43 -38.10 -16.92 3.71
C LYS D 43 -37.92 -18.31 4.29
N SER D 44 -37.67 -19.28 3.40
CA SER D 44 -37.42 -20.66 3.78
C SER D 44 -35.99 -21.01 3.42
N ILE D 45 -35.19 -21.34 4.44
CA ILE D 45 -33.80 -21.70 4.31
C ILE D 45 -33.69 -23.21 4.52
N ASN D 46 -33.15 -23.91 3.54
CA ASN D 46 -32.98 -25.36 3.60
C ASN D 46 -31.68 -25.68 4.35
N LYS D 47 -31.77 -25.87 5.67
CA LYS D 47 -30.60 -26.12 6.54
C LYS D 47 -29.91 -27.44 6.19
N LYS D 48 -30.67 -28.45 5.77
CA LYS D 48 -30.12 -29.74 5.47
C LYS D 48 -29.18 -29.65 4.26
N ASN D 49 -29.66 -29.05 3.16
CA ASN D 49 -28.84 -28.92 1.97
C ASN D 49 -27.64 -28.00 2.27
N LEU D 50 -27.89 -26.93 2.99
CA LEU D 50 -26.84 -26.01 3.39
C LEU D 50 -25.73 -26.77 4.15
N SER D 51 -26.11 -27.68 5.05
CA SER D 51 -25.14 -28.41 5.88
C SER D 51 -24.24 -29.29 5.01
N LYS D 52 -24.68 -29.66 3.81
CA LYS D 52 -23.91 -30.49 2.93
C LYS D 52 -23.02 -29.68 2.00
N SER D 53 -23.12 -28.35 2.07
CA SER D 53 -22.38 -27.48 1.20
C SER D 53 -21.26 -26.76 1.97
N GLN D 54 -20.38 -26.14 1.20
CA GLN D 54 -19.23 -25.43 1.74
C GLN D 54 -19.68 -24.06 2.28
N ILE D 55 -20.92 -23.68 2.01
CA ILE D 55 -21.42 -22.36 2.34
C ILE D 55 -21.91 -22.36 3.78
N LEU D 56 -21.50 -21.35 4.56
CA LEU D 56 -21.83 -21.28 6.00
C LEU D 56 -23.28 -20.84 6.26
N LEU D 57 -23.86 -21.45 7.31
N LEU D 57 -23.83 -21.22 7.43
CA LEU D 57 -25.00 -20.88 7.98
CA LEU D 57 -25.26 -20.95 7.79
C LEU D 57 -24.52 -19.59 8.62
C LEU D 57 -25.56 -19.44 7.86
N GLY D 58 -25.16 -18.49 8.25
N GLY D 58 -24.66 -18.68 8.51
CA GLY D 58 -24.81 -17.18 8.75
CA GLY D 58 -24.83 -17.22 8.71
C GLY D 58 -25.51 -16.87 10.06
C GLY D 58 -25.49 -16.89 10.04
N LYS D 59 -25.75 -15.58 10.29
CA LYS D 59 -26.36 -15.08 11.54
C LYS D 59 -27.54 -14.15 11.23
N GLU D 60 -28.28 -14.42 10.17
CA GLU D 60 -29.35 -13.50 9.75
C GLU D 60 -30.38 -13.31 10.87
N ILE D 61 -30.75 -14.37 11.57
CA ILE D 61 -31.77 -14.23 12.61
C ILE D 61 -31.25 -13.31 13.72
N LYS D 62 -30.04 -13.63 14.21
CA LYS D 62 -29.46 -12.86 15.27
C LYS D 62 -29.29 -11.38 14.83
N ILE D 63 -28.81 -11.17 13.61
CA ILE D 63 -28.54 -9.83 13.12
C ILE D 63 -29.84 -9.03 12.97
N LEU D 64 -30.88 -9.61 12.37
CA LEU D 64 -32.17 -8.91 12.22
C LEU D 64 -32.81 -8.70 13.60
N LYS D 65 -32.68 -9.68 14.50
CA LYS D 65 -33.25 -9.58 15.87
C LYS D 65 -32.58 -8.40 16.59
N GLU D 66 -31.28 -8.21 16.36
CA GLU D 66 -30.44 -7.22 17.05
C GLU D 66 -30.72 -5.82 16.51
N LEU D 67 -31.06 -5.73 15.23
CA LEU D 67 -31.36 -4.41 14.60
C LEU D 67 -32.87 -4.17 14.73
N GLN D 68 -33.24 -2.98 15.16
CA GLN D 68 -34.54 -2.48 14.94
C GLN D 68 -34.38 -1.10 14.34
N HIS D 69 -34.59 -1.02 13.03
CA HIS D 69 -34.37 0.19 12.32
C HIS D 69 -35.30 0.26 11.11
N GLU D 70 -35.79 1.47 10.82
CA GLU D 70 -36.79 1.65 9.78
C GLU D 70 -36.21 1.37 8.37
N ASN D 71 -34.88 1.36 8.19
CA ASN D 71 -34.31 1.11 6.88
C ASN D 71 -33.63 -0.26 6.85
N ILE D 72 -34.03 -1.16 7.76
CA ILE D 72 -33.67 -2.57 7.70
C ILE D 72 -34.94 -3.42 7.84
N VAL D 73 -35.09 -4.45 6.98
CA VAL D 73 -36.31 -5.26 7.01
C VAL D 73 -36.48 -5.82 8.43
N ALA D 74 -37.71 -5.65 8.97
CA ALA D 74 -38.09 -6.17 10.25
C ALA D 74 -38.25 -7.71 10.16
N LEU D 75 -37.93 -8.36 11.27
CA LEU D 75 -38.18 -9.80 11.47
C LEU D 75 -39.34 -9.93 12.48
N TYR D 76 -40.43 -10.59 12.06
CA TYR D 76 -41.61 -10.72 12.93
C TYR D 76 -41.61 -12.07 13.64
N ASP D 77 -41.15 -13.13 12.96
CA ASP D 77 -41.26 -14.43 13.57
C ASP D 77 -40.26 -15.39 12.93
N VAL D 78 -39.98 -16.46 13.68
CA VAL D 78 -39.09 -17.53 13.24
C VAL D 78 -39.78 -18.87 13.52
N GLN D 79 -39.77 -19.79 12.54
CA GLN D 79 -40.20 -21.16 12.79
C GLN D 79 -39.06 -22.11 12.36
N GLU D 80 -38.50 -22.81 13.35
CA GLU D 80 -37.45 -23.77 13.21
C GLU D 80 -38.05 -25.20 13.03
N LEU D 81 -37.57 -25.92 12.01
CA LEU D 81 -37.76 -27.35 11.84
C LEU D 81 -36.40 -28.04 11.77
N PRO D 82 -36.31 -29.39 11.85
CA PRO D 82 -35.02 -30.05 11.81
C PRO D 82 -34.22 -29.76 10.51
N ASN D 83 -34.90 -29.62 9.37
CA ASN D 83 -34.23 -29.53 8.08
C ASN D 83 -34.37 -28.15 7.42
N SER D 84 -35.18 -27.25 8.03
CA SER D 84 -35.60 -25.95 7.46
C SER D 84 -35.71 -24.90 8.55
N VAL D 85 -35.56 -23.63 8.19
CA VAL D 85 -35.98 -22.56 9.07
C VAL D 85 -36.69 -21.47 8.25
N PHE D 86 -37.78 -20.95 8.81
CA PHE D 86 -38.60 -19.93 8.20
C PHE D 86 -38.38 -18.62 8.95
N LEU D 87 -38.16 -17.55 8.18
CA LEU D 87 -38.11 -16.21 8.70
C LEU D 87 -39.31 -15.46 8.13
N VAL D 88 -40.13 -14.86 9.00
CA VAL D 88 -41.25 -14.06 8.57
C VAL D 88 -40.84 -12.61 8.78
N MET D 89 -40.82 -11.87 7.66
CA MET D 89 -40.19 -10.56 7.66
C MET D 89 -41.12 -9.56 7.02
N GLU D 90 -40.74 -8.29 7.13
CA GLU D 90 -41.39 -7.15 6.53
C GLU D 90 -41.44 -7.34 5.03
N TYR D 91 -42.62 -7.11 4.44
CA TYR D 91 -42.79 -7.12 3.00
C TYR D 91 -42.60 -5.69 2.45
N CYS D 92 -41.82 -5.59 1.39
CA CYS D 92 -41.51 -4.35 0.75
C CYS D 92 -42.32 -4.32 -0.54
N ASN D 93 -43.35 -3.47 -0.57
CA ASN D 93 -44.39 -3.51 -1.58
C ASN D 93 -43.90 -2.92 -2.91
N GLY D 94 -42.70 -2.33 -2.94
CA GLY D 94 -42.19 -1.69 -4.12
C GLY D 94 -41.21 -2.57 -4.87
N GLY D 95 -40.85 -3.73 -4.36
CA GLY D 95 -39.78 -4.53 -5.00
C GLY D 95 -38.38 -4.02 -4.64
N ASP D 96 -37.39 -4.27 -5.52
CA ASP D 96 -36.01 -3.93 -5.24
C ASP D 96 -35.59 -2.73 -6.10
N LEU D 97 -34.39 -2.22 -5.83
CA LEU D 97 -33.89 -1.04 -6.48
C LEU D 97 -33.68 -1.32 -7.97
N ALA D 98 -33.31 -2.55 -8.31
CA ALA D 98 -33.15 -2.93 -9.73
C ALA D 98 -34.48 -2.75 -10.46
N ASP D 99 -35.59 -3.20 -9.87
CA ASP D 99 -36.93 -3.07 -10.51
C ASP D 99 -37.23 -1.60 -10.78
N TYR D 100 -36.94 -0.77 -9.78
CA TYR D 100 -37.17 0.64 -9.88
C TYR D 100 -36.30 1.28 -11.00
N LEU D 101 -35.02 0.88 -11.07
CA LEU D 101 -34.10 1.40 -12.07
C LEU D 101 -34.53 0.95 -13.47
N GLN D 102 -35.18 -0.21 -13.58
CA GLN D 102 -35.59 -0.72 -14.86
C GLN D 102 -36.53 0.29 -15.55
N ALA D 103 -37.38 0.97 -14.77
CA ALA D 103 -38.31 1.94 -15.30
C ALA D 103 -37.60 3.26 -15.62
N LYS D 104 -36.69 3.66 -14.73
CA LYS D 104 -36.20 5.00 -14.67
C LYS D 104 -34.90 5.16 -15.45
N GLY D 105 -34.14 4.07 -15.62
CA GLY D 105 -32.80 4.08 -16.18
C GLY D 105 -31.79 4.59 -15.18
N THR D 106 -31.97 5.86 -14.78
CA THR D 106 -31.15 6.56 -13.84
C THR D 106 -32.06 7.32 -12.87
N LEU D 107 -31.52 7.75 -11.73
CA LEU D 107 -32.21 8.58 -10.77
C LEU D 107 -31.66 10.00 -10.82
N SER D 108 -32.48 10.99 -10.47
CA SER D 108 -31.97 12.35 -10.26
C SER D 108 -30.97 12.33 -9.11
N GLU D 109 -30.11 13.33 -9.02
CA GLU D 109 -29.20 13.47 -7.91
C GLU D 109 -30.00 13.65 -6.61
N ASP D 110 -31.12 14.36 -6.69
CA ASP D 110 -31.89 14.61 -5.50
C ASP D 110 -32.55 13.30 -5.00
N THR D 111 -32.99 12.43 -5.92
CA THR D 111 -33.52 11.10 -5.56
C THR D 111 -32.39 10.26 -4.97
N ILE D 112 -31.21 10.27 -5.61
CA ILE D 112 -30.05 9.59 -5.12
C ILE D 112 -29.79 10.01 -3.67
N ARG D 113 -29.89 11.31 -3.42
CA ARG D 113 -29.58 11.82 -2.10
C ARG D 113 -30.59 11.29 -1.08
N VAL D 114 -31.88 11.36 -1.43
CA VAL D 114 -32.96 10.92 -0.54
C VAL D 114 -32.76 9.44 -0.19
N PHE D 115 -32.52 8.58 -1.18
CA PHE D 115 -32.28 7.18 -0.97
C PHE D 115 -31.02 6.98 -0.12
N LEU D 116 -29.95 7.71 -0.45
CA LEU D 116 -28.67 7.48 0.16
C LEU D 116 -28.70 7.88 1.63
N HIS D 117 -29.46 8.93 1.97
CA HIS D 117 -29.68 9.29 3.37
C HIS D 117 -30.22 8.07 4.16
N GLN D 118 -31.15 7.34 3.55
CA GLN D 118 -31.78 6.18 4.20
C GLN D 118 -30.78 5.01 4.28
N ILE D 119 -30.03 4.76 3.18
CA ILE D 119 -29.06 3.72 3.17
C ILE D 119 -27.99 4.03 4.22
N ALA D 120 -27.62 5.31 4.36
CA ALA D 120 -26.61 5.76 5.33
C ALA D 120 -27.09 5.50 6.75
N ALA D 121 -28.38 5.79 6.99
CA ALA D 121 -28.98 5.53 8.31
C ALA D 121 -28.87 4.04 8.67
N ALA D 122 -29.16 3.15 7.69
CA ALA D 122 -28.98 1.71 7.93
C ALA D 122 -27.49 1.41 8.17
N MET D 123 -26.61 2.00 7.36
CA MET D 123 -25.17 1.71 7.47
C MET D 123 -24.63 2.17 8.84
N ARG D 124 -25.21 3.25 9.38
CA ARG D 124 -24.88 3.74 10.72
C ARG D 124 -25.15 2.66 11.77
N ILE D 125 -26.33 2.04 11.74
CA ILE D 125 -26.67 1.04 12.77
C ILE D 125 -25.77 -0.19 12.58
N LEU D 126 -25.55 -0.63 11.33
CA LEU D 126 -24.64 -1.74 11.05
C LEU D 126 -23.24 -1.42 11.66
N HIS D 127 -22.79 -0.18 11.44
CA HIS D 127 -21.44 0.25 11.85
C HIS D 127 -21.33 0.26 13.37
N SER D 128 -22.35 0.81 14.05
CA SER D 128 -22.34 0.83 15.52
C SER D 128 -22.30 -0.60 16.08
N LYS D 129 -22.84 -1.60 15.38
CA LYS D 129 -22.92 -2.94 15.93
C LYS D 129 -21.77 -3.83 15.43
N GLY D 130 -20.91 -3.30 14.57
CA GLY D 130 -19.80 -4.06 14.04
C GLY D 130 -20.23 -5.13 13.05
N ILE D 131 -21.26 -4.83 12.27
CA ILE D 131 -21.81 -5.77 11.27
C ILE D 131 -21.50 -5.23 9.87
N ILE D 132 -21.01 -6.12 8.99
CA ILE D 132 -20.87 -5.83 7.61
C ILE D 132 -21.75 -6.77 6.82
N HIS D 133 -22.49 -6.21 5.86
CA HIS D 133 -23.51 -6.93 5.06
C HIS D 133 -22.84 -7.87 4.06
N ARG D 134 -21.85 -7.30 3.34
CA ARG D 134 -20.88 -7.97 2.46
C ARG D 134 -21.48 -8.32 1.09
N ASP D 135 -22.80 -8.14 0.89
CA ASP D 135 -23.40 -8.42 -0.41
C ASP D 135 -24.46 -7.38 -0.81
N LEU D 136 -24.21 -6.11 -0.50
CA LEU D 136 -25.14 -5.06 -0.88
C LEU D 136 -25.20 -4.94 -2.39
N LYS D 137 -26.41 -4.77 -2.93
CA LYS D 137 -26.61 -4.67 -4.34
C LYS D 137 -28.04 -4.22 -4.63
N PRO D 138 -28.37 -3.82 -5.88
CA PRO D 138 -29.71 -3.34 -6.18
C PRO D 138 -30.81 -4.37 -5.84
N GLN D 139 -30.46 -5.66 -5.81
CA GLN D 139 -31.42 -6.75 -5.62
C GLN D 139 -31.78 -6.94 -4.14
N ASN D 140 -31.04 -6.32 -3.20
CA ASN D 140 -31.40 -6.43 -1.77
C ASN D 140 -31.49 -5.05 -1.11
N ILE D 141 -31.58 -3.99 -1.93
CA ILE D 141 -31.97 -2.69 -1.48
C ILE D 141 -33.42 -2.53 -1.95
N LEU D 142 -34.36 -2.62 -1.00
CA LEU D 142 -35.78 -2.79 -1.30
C LEU D 142 -36.52 -1.49 -1.03
N LEU D 143 -37.62 -1.32 -1.75
CA LEU D 143 -38.48 -0.17 -1.70
C LEU D 143 -39.82 -0.55 -1.07
N SER D 144 -40.24 0.23 -0.09
CA SER D 144 -41.53 0.10 0.51
C SER D 144 -42.25 1.46 0.52
N TYR D 145 -43.39 1.57 -0.15
CA TYR D 145 -44.17 2.79 -0.20
C TYR D 145 -44.99 2.88 1.07
N ALA D 146 -44.97 4.07 1.71
CA ALA D 146 -45.65 4.29 3.00
C ALA D 146 -47.16 4.22 2.82
N ASN D 147 -47.60 4.54 1.60
CA ASN D 147 -49.02 4.61 1.24
C ASN D 147 -49.25 3.67 0.02
N ARG D 148 -49.86 2.51 0.23
CA ARG D 148 -49.87 1.47 -0.84
C ARG D 148 -50.91 1.84 -1.90
N ARG D 149 -51.88 2.67 -1.55
CA ARG D 149 -52.91 3.02 -2.54
C ARG D 149 -52.44 4.23 -3.38
N LYS D 150 -52.06 5.35 -2.78
CA LYS D 150 -51.75 6.50 -3.71
C LYS D 150 -50.24 6.72 -3.71
N SER D 151 -49.49 5.73 -4.23
CA SER D 151 -48.07 5.55 -3.92
C SER D 151 -47.29 6.71 -4.58
N SER D 152 -46.37 7.32 -3.83
CA SER D 152 -45.59 8.43 -4.38
C SER D 152 -44.12 8.13 -4.22
N VAL D 153 -43.30 8.75 -5.07
CA VAL D 153 -41.82 8.72 -4.97
C VAL D 153 -41.39 9.17 -3.56
N SER D 154 -42.07 10.21 -3.06
CA SER D 154 -41.74 10.83 -1.78
C SER D 154 -42.09 9.90 -0.62
N GLY D 155 -42.97 8.93 -0.85
CA GLY D 155 -43.37 7.95 0.16
C GLY D 155 -42.50 6.70 0.16
N ILE D 156 -41.42 6.65 -0.63
CA ILE D 156 -40.57 5.45 -0.67
C ILE D 156 -39.68 5.39 0.56
N ARG D 157 -39.74 4.26 1.27
CA ARG D 157 -38.77 3.96 2.32
CA ARG D 157 -38.80 3.97 2.32
C ARG D 157 -37.88 2.82 1.83
N ILE D 158 -36.57 3.03 1.97
CA ILE D 158 -35.57 2.04 1.58
C ILE D 158 -35.38 1.07 2.76
N LYS D 159 -35.28 -0.22 2.47
CA LYS D 159 -35.00 -1.23 3.48
C LYS D 159 -33.93 -2.15 2.93
N ILE D 160 -32.88 -2.34 3.72
CA ILE D 160 -31.87 -3.28 3.42
C ILE D 160 -32.37 -4.68 3.84
N ALA D 161 -32.09 -5.66 2.98
CA ALA D 161 -32.48 -7.06 3.21
C ALA D 161 -31.32 -8.00 2.95
N ASP D 162 -31.59 -9.26 3.28
CA ASP D 162 -30.75 -10.45 2.98
C ASP D 162 -29.40 -10.36 3.68
N PHE D 163 -29.40 -10.68 4.98
CA PHE D 163 -28.22 -10.63 5.82
C PHE D 163 -27.59 -12.01 6.00
N GLY D 164 -27.82 -12.92 5.06
CA GLY D 164 -27.28 -14.28 5.18
C GLY D 164 -25.78 -14.36 4.92
N PHE D 165 -25.21 -13.33 4.29
CA PHE D 165 -23.79 -13.31 4.02
C PHE D 165 -23.08 -12.33 5.00
N ALA D 166 -23.85 -11.68 5.88
CA ALA D 166 -23.31 -10.70 6.79
C ALA D 166 -22.43 -11.36 7.86
N ARG D 167 -21.48 -10.58 8.39
CA ARG D 167 -20.55 -11.06 9.41
C ARG D 167 -20.32 -9.97 10.46
N TYR D 168 -19.99 -10.42 11.67
CA TYR D 168 -19.59 -9.54 12.73
C TYR D 168 -18.08 -9.35 12.66
N LEU D 169 -17.63 -8.10 12.70
CA LEU D 169 -16.20 -7.77 12.53
C LEU D 169 -15.37 -8.41 13.65
N HIS D 170 -15.93 -8.48 14.84
CA HIS D 170 -15.22 -8.83 16.06
C HIS D 170 -15.26 -10.35 16.32
N SER D 171 -15.84 -11.15 15.40
CA SER D 171 -16.04 -12.57 15.66
C SER D 171 -14.69 -13.31 15.86
N ASN D 172 -13.67 -13.02 15.03
CA ASN D 172 -12.36 -13.70 15.16
C ASN D 172 -11.72 -13.34 16.51
N MET D 173 -11.79 -12.05 16.89
CA MET D 173 -11.29 -11.58 18.18
C MET D 173 -12.05 -12.27 19.32
N MET D 174 -13.36 -12.47 19.15
CA MET D 174 -14.18 -13.16 20.18
C MET D 174 -13.76 -14.64 20.29
N ALA D 175 -13.57 -15.32 19.15
CA ALA D 175 -13.07 -16.71 19.13
C ALA D 175 -11.78 -16.83 19.95
N ALA D 176 -10.83 -15.90 19.71
CA ALA D 176 -9.50 -15.89 20.36
C ALA D 176 -9.65 -15.75 21.89
N ASP D 177 -10.52 -14.83 22.32
CA ASP D 177 -10.81 -14.59 23.75
C ASP D 177 -11.33 -15.87 24.43
N LEU D 178 -12.12 -16.66 23.69
CA LEU D 178 -12.91 -17.78 24.22
C LEU D 178 -12.10 -19.09 24.19
N CYS D 179 -10.89 -19.07 23.62
CA CYS D 179 -9.87 -20.10 23.95
C CYS D 179 -8.94 -19.55 25.04
N GLY D 180 -8.33 -18.39 24.74
CA GLY D 180 -7.26 -17.81 25.54
C GLY D 180 -6.02 -17.54 24.71
N SER D 181 -5.75 -18.39 23.70
CA SER D 181 -4.47 -18.37 22.93
C SER D 181 -4.71 -17.83 21.53
N PRO D 182 -4.36 -16.55 21.25
CA PRO D 182 -4.28 -16.03 19.88
C PRO D 182 -2.90 -16.26 19.25
N MET D 183 -2.00 -16.93 19.98
CA MET D 183 -0.54 -16.78 19.72
C MET D 183 -0.16 -17.52 18.42
N TYR D 184 -1.04 -18.41 17.94
CA TYR D 184 -0.71 -19.34 16.87
C TYR D 184 -1.51 -18.99 15.61
N MET D 185 -2.45 -18.08 15.76
CA MET D 185 -3.31 -17.68 14.66
C MET D 185 -2.52 -16.85 13.64
N ALA D 186 -2.82 -17.02 12.34
CA ALA D 186 -2.20 -16.28 11.25
C ALA D 186 -2.51 -14.78 11.38
N PRO D 187 -1.52 -13.89 11.15
CA PRO D 187 -1.78 -12.45 11.24
C PRO D 187 -3.02 -12.01 10.44
N GLU D 188 -3.17 -12.51 9.21
CA GLU D 188 -4.26 -12.10 8.35
C GLU D 188 -5.62 -12.58 8.91
N VAL D 189 -5.63 -13.60 9.80
CA VAL D 189 -6.88 -14.02 10.44
C VAL D 189 -7.18 -13.08 11.62
N ILE D 190 -6.18 -12.85 12.47
CA ILE D 190 -6.26 -11.95 13.64
C ILE D 190 -6.72 -10.53 13.23
N MET D 191 -6.33 -10.09 12.01
CA MET D 191 -6.44 -8.64 11.63
C MET D 191 -7.60 -8.44 10.63
N SER D 192 -8.45 -9.46 10.45
CA SER D 192 -9.60 -9.40 9.53
C SER D 192 -10.60 -8.30 9.95
N GLN D 193 -10.69 -8.03 11.26
CA GLN D 193 -11.53 -6.97 11.82
C GLN D 193 -11.36 -5.69 10.99
N HIS D 194 -10.11 -5.35 10.66
CA HIS D 194 -9.83 -4.12 9.90
C HIS D 194 -9.33 -4.47 8.51
N TYR D 195 -10.04 -5.38 7.86
CA TYR D 195 -9.69 -5.84 6.50
C TYR D 195 -10.86 -5.56 5.57
N ASP D 196 -12.06 -6.02 5.95
CA ASP D 196 -13.24 -5.84 5.13
C ASP D 196 -14.22 -4.90 5.85
N ALA D 197 -13.73 -4.14 6.83
CA ALA D 197 -14.57 -3.23 7.61
C ALA D 197 -15.33 -2.24 6.71
N LYS D 198 -14.77 -1.95 5.51
CA LYS D 198 -15.32 -0.93 4.60
C LYS D 198 -15.89 -1.56 3.31
N ALA D 199 -16.09 -2.86 3.30
CA ALA D 199 -16.62 -3.54 2.11
C ALA D 199 -17.96 -2.92 1.65
N ASP D 200 -18.85 -2.57 2.59
CA ASP D 200 -20.19 -2.10 2.20
C ASP D 200 -20.09 -0.69 1.56
N LEU D 201 -19.08 0.11 1.97
CA LEU D 201 -18.88 1.44 1.38
C LEU D 201 -18.56 1.30 -0.11
N TRP D 202 -17.78 0.29 -0.49
CA TRP D 202 -17.50 0.07 -1.91
C TRP D 202 -18.81 -0.27 -2.63
N SER D 203 -19.56 -1.24 -2.09
CA SER D 203 -20.77 -1.67 -2.72
C SER D 203 -21.68 -0.44 -2.96
N ILE D 204 -21.86 0.40 -1.92
CA ILE D 204 -22.76 1.53 -1.98
C ILE D 204 -22.28 2.47 -3.09
N GLY D 205 -20.95 2.62 -3.19
CA GLY D 205 -20.35 3.34 -4.27
C GLY D 205 -20.83 2.85 -5.61
N THR D 206 -20.77 1.53 -5.83
CA THR D 206 -21.14 0.97 -7.12
C THR D 206 -22.64 1.19 -7.39
N VAL D 207 -23.46 1.12 -6.33
CA VAL D 207 -24.91 1.25 -6.47
C VAL D 207 -25.24 2.69 -6.85
N ILE D 208 -24.65 3.66 -6.13
CA ILE D 208 -24.91 5.07 -6.41
C ILE D 208 -24.45 5.39 -7.84
N TYR D 209 -23.30 4.87 -8.23
CA TYR D 209 -22.79 5.07 -9.59
C TYR D 209 -23.84 4.56 -10.59
N GLN D 210 -24.37 3.36 -10.34
CA GLN D 210 -25.34 2.80 -11.25
C GLN D 210 -26.61 3.66 -11.28
N CYS D 211 -27.04 4.16 -10.11
CA CYS D 211 -28.16 5.08 -10.06
C CYS D 211 -27.92 6.30 -10.95
N LEU D 212 -26.71 6.84 -10.94
CA LEU D 212 -26.38 8.12 -11.63
C LEU D 212 -26.22 7.88 -13.13
N VAL D 213 -25.56 6.79 -13.52
CA VAL D 213 -25.06 6.59 -14.88
C VAL D 213 -25.89 5.55 -15.62
N GLY D 214 -26.44 4.56 -14.92
CA GLY D 214 -27.32 3.57 -15.52
C GLY D 214 -26.64 2.24 -15.81
N LYS D 215 -25.35 2.15 -15.49
CA LYS D 215 -24.64 0.87 -15.40
C LYS D 215 -23.70 0.90 -14.20
N PRO D 216 -23.20 -0.27 -13.74
CA PRO D 216 -22.17 -0.29 -12.68
C PRO D 216 -20.87 0.31 -13.19
N PRO D 217 -19.97 0.82 -12.32
CA PRO D 217 -18.74 1.48 -12.76
C PRO D 217 -17.73 0.57 -13.46
N PHE D 218 -17.77 -0.74 -13.19
CA PHE D 218 -16.80 -1.68 -13.73
C PHE D 218 -17.54 -2.91 -14.27
N GLN D 219 -17.47 -3.10 -15.60
CA GLN D 219 -18.44 -3.94 -16.35
C GLN D 219 -17.84 -5.33 -16.61
N PRO D 238 -12.70 5.92 -12.26
CA PRO D 238 -14.11 5.63 -12.59
C PRO D 238 -14.74 6.78 -13.40
N SER D 239 -15.49 6.45 -14.45
CA SER D 239 -15.85 7.43 -15.45
C SER D 239 -17.11 8.21 -15.01
N ILE D 240 -16.91 9.41 -14.47
CA ILE D 240 -17.98 10.25 -13.92
C ILE D 240 -18.35 11.33 -14.94
N PRO D 241 -19.63 11.47 -15.34
CA PRO D 241 -20.01 12.58 -16.24
C PRO D 241 -19.67 13.95 -15.64
N ARG D 242 -19.12 14.88 -16.46
CA ARG D 242 -18.76 16.22 -15.98
C ARG D 242 -20.02 17.01 -15.58
N GLU D 243 -21.21 16.58 -16.01
CA GLU D 243 -22.50 17.12 -15.56
C GLU D 243 -22.81 16.77 -14.09
N THR D 244 -22.12 15.75 -13.54
CA THR D 244 -22.33 15.32 -12.14
C THR D 244 -22.02 16.51 -11.22
N SER D 245 -22.83 16.73 -10.19
CA SER D 245 -22.50 17.70 -9.14
C SER D 245 -21.11 17.40 -8.58
N PRO D 246 -20.36 18.43 -8.16
CA PRO D 246 -19.04 18.23 -7.55
C PRO D 246 -19.05 17.23 -6.36
N TYR D 247 -20.05 17.36 -5.50
CA TYR D 247 -20.08 16.55 -4.29
C TYR D 247 -20.34 15.08 -4.61
N LEU D 248 -21.20 14.79 -5.59
CA LEU D 248 -21.52 13.39 -5.92
C LEU D 248 -20.31 12.72 -6.56
N ALA D 249 -19.61 13.46 -7.45
CA ALA D 249 -18.42 12.96 -8.10
C ALA D 249 -17.38 12.60 -7.01
N ASN D 250 -17.20 13.53 -6.07
CA ASN D 250 -16.26 13.40 -4.96
C ASN D 250 -16.63 12.18 -4.11
N LEU D 251 -17.91 12.05 -3.80
CA LEU D 251 -18.40 10.88 -2.96
C LEU D 251 -18.11 9.54 -3.66
N LEU D 252 -18.36 9.48 -4.96
CA LEU D 252 -18.06 8.28 -5.74
C LEU D 252 -16.56 7.97 -5.77
N LEU D 253 -15.71 8.98 -5.96
CA LEU D 253 -14.26 8.75 -6.04
C LEU D 253 -13.74 8.19 -4.70
N GLY D 254 -14.28 8.69 -3.59
CA GLY D 254 -13.86 8.23 -2.23
C GLY D 254 -14.42 6.86 -1.84
N LEU D 255 -15.59 6.50 -2.38
CA LEU D 255 -16.18 5.18 -2.12
C LEU D 255 -15.51 4.13 -3.02
N LEU D 256 -15.26 4.47 -4.30
CA LEU D 256 -14.76 3.49 -5.28
C LEU D 256 -13.21 3.50 -5.31
N GLN D 257 -12.59 3.38 -4.13
CA GLN D 257 -11.16 3.13 -3.97
C GLN D 257 -10.94 1.62 -3.82
N ARG D 258 -10.17 1.06 -4.74
CA ARG D 258 -9.88 -0.37 -4.76
C ARG D 258 -9.25 -0.80 -3.43
N ASN D 259 -8.40 0.05 -2.85
CA ASN D 259 -7.70 -0.30 -1.62
C ASN D 259 -8.45 0.31 -0.41
N GLN D 260 -8.75 -0.56 0.57
CA GLN D 260 -9.43 -0.25 1.84
C GLN D 260 -8.86 1.03 2.47
N LYS D 261 -7.54 1.09 2.54
CA LYS D 261 -6.87 2.11 3.32
C LYS D 261 -7.13 3.50 2.71
N ASP D 262 -7.38 3.55 1.41
CA ASP D 262 -7.61 4.81 0.71
C ASP D 262 -9.11 5.14 0.69
N ARG D 263 -9.96 4.14 0.93
CA ARG D 263 -11.40 4.33 0.82
C ARG D 263 -11.84 5.25 1.95
N MET D 264 -12.81 6.09 1.64
CA MET D 264 -13.45 6.98 2.59
C MET D 264 -13.83 6.22 3.89
N ASP D 265 -13.58 6.86 5.04
CA ASP D 265 -14.04 6.40 6.38
C ASP D 265 -15.55 6.49 6.48
N PHE D 266 -16.13 5.79 7.46
CA PHE D 266 -17.54 5.88 7.74
C PHE D 266 -17.93 7.29 8.21
N GLU D 267 -17.13 7.89 9.10
CA GLU D 267 -17.44 9.22 9.65
C GLU D 267 -17.52 10.26 8.53
N ALA D 268 -16.62 10.14 7.55
CA ALA D 268 -16.56 11.01 6.38
C ALA D 268 -17.74 10.72 5.43
N PHE D 269 -18.12 9.46 5.31
CA PHE D 269 -19.30 9.07 4.51
C PHE D 269 -20.57 9.69 5.12
N PHE D 270 -20.78 9.49 6.42
CA PHE D 270 -22.00 9.98 7.07
C PHE D 270 -22.04 11.52 7.07
N SER D 271 -20.87 12.18 7.09
CA SER D 271 -20.77 13.66 7.11
C SER D 271 -20.66 14.24 5.70
N HIS D 272 -20.62 13.40 4.66
CA HIS D 272 -20.20 13.91 3.37
C HIS D 272 -21.16 15.00 2.93
N PRO D 273 -20.63 16.11 2.35
CA PRO D 273 -21.46 17.23 1.89
C PRO D 273 -22.58 16.83 0.91
N PHE D 274 -22.41 15.75 0.14
CA PHE D 274 -23.50 15.32 -0.74
C PHE D 274 -24.76 15.01 0.10
N LEU D 275 -24.56 14.46 1.31
CA LEU D 275 -25.67 14.05 2.21
C LEU D 275 -26.18 15.26 3.01
N GLU D 276 -25.30 16.22 3.34
CA GLU D 276 -25.70 17.43 4.11
C GLU D 276 -26.61 18.33 3.25
N1 HVH E . 36.82 6.87 -9.26
C2 HVH E . 33.42 8.10 -12.95
N3 HVH E . 40.23 4.12 -8.10
C4 HVH E . 32.49 9.49 -11.58
N4 HVH E . 39.28 -0.12 -12.87
C5 HVH E . 34.28 5.22 -9.54
C6 HVH E . 35.63 4.89 -10.16
O HVH E . 34.16 8.03 -9.70
C HVH E . 33.49 7.34 -10.49
C1 HVH E . 32.71 7.95 -11.60
C3 HVH E . 32.71 9.50 -13.10
N HVH E . 33.44 6.00 -10.43
C7 HVH E . 36.53 6.10 -10.46
C8 HVH E . 37.69 6.48 -8.33
C21 HVH E . 37.85 7.21 -7.16
C22 HVH E . 37.14 8.53 -6.93
C24 HVH E . 35.87 8.61 -6.14
C23 HVH E . 37.11 9.19 -5.59
C20 HVH E . 38.84 6.77 -6.32
N5 HVH E . 39.64 5.73 -6.58
C9 HVH E . 39.38 5.10 -7.72
N2 HVH E . 38.45 5.43 -8.61
C10 HVH E . 40.24 3.18 -9.13
C19 HVH E . 41.43 2.53 -9.39
C18 HVH E . 41.52 1.66 -10.47
C13 HVH E . 40.41 1.38 -11.26
C14 HVH E . 40.55 0.51 -12.48
C15 HVH E . 39.43 -0.84 -14.16
C16 HVH E . 38.22 0.88 -12.95
C17 HVH E . 37.91 1.47 -11.59
C12 HVH E . 39.17 1.93 -10.91
C11 HVH E . 39.10 2.86 -9.86
C1 EDO F . 29.25 14.58 -10.59
O1 EDO F . 29.12 15.24 -9.27
C2 EDO F . 28.41 15.16 -11.75
O2 EDO F . 26.97 15.23 -11.47
C1 EDO G . 15.18 13.13 -3.88
O1 EDO G . 14.83 13.91 -5.03
C2 EDO G . 14.57 13.77 -2.64
O2 EDO G . 13.82 12.79 -1.89
C1 EDO H . 27.70 27.23 -16.52
O1 EDO H . 28.66 26.52 -15.73
C2 EDO H . 28.41 28.10 -17.55
O2 EDO H . 29.34 27.30 -18.32
C1 EDO I . 43.31 -3.00 -9.41
O1 EDO I . 44.19 -1.87 -9.33
C2 EDO I . 42.02 -2.61 -10.13
O2 EDO I . 41.91 -3.30 -11.39
N1 HVH J . 9.87 38.78 -11.72
C2 HVH J . 12.68 34.87 -8.75
N3 HVH J . 7.37 42.21 -13.34
C4 HVH J . 11.78 36.31 -7.47
N4 HVH J . 5.28 43.68 -7.40
C5 HVH J . 8.21 36.82 -10.19
C6 HVH J . 8.12 38.34 -10.03
O HVH J . 10.85 36.04 -10.74
C HVH J . 10.40 35.88 -9.60
C1 HVH J . 11.24 35.31 -8.49
C3 HVH J . 13.06 35.51 -7.39
N HVH J . 9.16 36.22 -9.26
C7 HVH J . 9.44 39.03 -10.36
C8 HVH J . 9.39 39.45 -12.78
C21 HVH J . 9.67 38.99 -14.09
C22 HVH J . 10.40 37.68 -14.30
C24 HVH J . 11.24 37.41 -15.52
C23 HVH J . 11.90 37.60 -14.21
C20 HVH J . 9.12 39.73 -15.11
N5 HVH J . 8.33 40.79 -14.90
C9 HVH J . 8.12 41.12 -13.62
N2 HVH J . 8.62 40.50 -12.57
C10 HVH J . 6.82 42.74 -12.14
C19 HVH J . 6.33 44.02 -12.15
C18 HVH J . 5.81 44.58 -11.00
C13 HVH J . 5.69 43.83 -9.82
C14 HVH J . 4.99 44.43 -8.62
C15 HVH J . 4.49 44.21 -6.26
C16 HVH J . 5.02 42.27 -7.59
C17 HVH J . 6.01 41.67 -8.56
C12 HVH J . 6.13 42.51 -9.81
C11 HVH J . 6.71 41.97 -10.97
NA NA K . 14.18 31.04 -25.44
C1 EDO L . 26.87 53.18 -17.70
O1 EDO L . 27.10 52.95 -19.10
C2 EDO L . 25.88 54.32 -17.54
O2 EDO L . 24.82 53.96 -16.63
C1 EDO M . 20.83 33.42 -24.08
O1 EDO M . 22.07 32.74 -24.19
C2 EDO M . 20.03 33.18 -25.35
O2 EDO M . 18.71 33.65 -25.13
C1 EDO N . -18.18 35.06 -9.19
O1 EDO N . -17.59 34.14 -8.25
C2 EDO N . -18.42 34.26 -10.45
O2 EDO N . -18.56 35.10 -11.60
C1 EDO O . 20.38 28.12 -13.29
O1 EDO O . 19.78 28.16 -14.56
C2 EDO O . 19.36 28.29 -12.17
O2 EDO O . 18.16 27.54 -12.38
C1 GOL P . 18.32 27.89 -8.51
O1 GOL P . 17.66 27.01 -9.43
C2 GOL P . 17.32 28.81 -7.85
O2 GOL P . 17.34 28.54 -6.46
C3 GOL P . 17.65 30.30 -8.08
O3 GOL P . 16.64 30.93 -8.88
N1 HVH Q . -10.35 -33.11 22.17
C2 HVH Q . -12.20 -28.32 22.92
N3 HVH Q . -7.73 -36.44 24.05
C4 HVH Q . -13.03 -28.46 20.94
N4 HVH Q . -5.02 -32.57 28.45
C5 HVH Q . -8.62 -30.79 21.68
C6 HVH Q . -8.76 -31.41 23.06
O HVH Q . -11.26 -30.74 20.71
C HVH Q . -10.77 -29.73 21.22
C1 HVH Q . -11.60 -28.51 21.50
C3 HVH Q . -13.47 -27.74 22.26
N HVH Q . -9.48 -29.63 21.52
C7 HVH Q . -10.06 -32.20 23.27
C8 HVH Q . -9.79 -34.33 22.09
C21 HVH Q . -10.09 -35.16 21.01
C22 HVH Q . -10.83 -34.60 19.81
C24 HVH Q . -11.63 -35.46 18.87
C23 HVH Q . -12.33 -34.51 19.76
C20 HVH Q . -9.57 -36.44 21.09
N5 HVH Q . -8.78 -36.88 22.08
C9 HVH Q . -8.51 -35.99 23.03
N2 HVH Q . -8.98 -34.72 23.09
C10 HVH Q . -7.15 -35.81 25.16
C19 HVH Q . -6.66 -36.58 26.22
C18 HVH Q . -6.17 -35.96 27.35
C13 HVH Q . -6.04 -34.57 27.42
C14 HVH Q . -5.54 -33.92 28.69
C15 HVH Q . -4.75 -31.93 29.74
C16 HVH Q . -5.97 -31.78 27.67
C17 HVH Q . -6.09 -32.33 26.27
C12 HVH Q . -6.41 -33.80 26.32
C11 HVH Q . -7.01 -34.42 25.22
C1 EDO R . -17.44 -26.31 17.17
O1 EDO R . -17.72 -27.20 16.02
C2 EDO R . -18.39 -25.11 17.29
O2 EDO R . -18.08 -24.08 16.32
C1 EDO S . 17.77 -29.43 18.49
O1 EDO S . 18.13 -28.41 19.42
C2 EDO S . 18.53 -30.73 18.68
O2 EDO S . 18.21 -31.61 17.57
C1 EDO T . 20.54 -20.33 12.83
O1 EDO T . 20.39 -18.95 13.24
C2 EDO T . 21.64 -20.52 11.79
O2 EDO T . 21.26 -21.61 10.97
C1 GOL U . -24.06 -46.80 32.43
O1 GOL U . -25.02 -47.02 31.37
C2 GOL U . -22.84 -47.70 32.24
O2 GOL U . -22.08 -47.64 33.45
C3 GOL U . -23.32 -49.11 31.84
O3 GOL U . -22.39 -50.15 32.15
N1 HVH V . -37.10 -10.32 -0.59
C2 HVH V . -33.49 -13.98 -2.05
N3 HVH V . -40.59 -7.60 -1.85
C4 HVH V . -32.76 -14.08 -0.05
N4 HVH V . -39.07 -8.32 -8.06
C5 HVH V . -34.51 -9.59 -1.67
C6 HVH V . -35.75 -9.72 -2.53
O HVH V . -34.35 -11.64 0.25
C HVH V . -33.71 -11.75 -0.80
C1 HVH V . -32.87 -12.97 -1.10
C3 HVH V . -33.03 -15.08 -1.12
N HVH V . -33.69 -10.79 -1.74
C7 HVH V . -36.78 -10.67 -1.96
C8 HVH V . -38.05 -9.44 -0.27
C21 HVH V . -38.24 -9.08 1.06
C22 HVH V . -37.20 -9.44 2.10
C24 HVH V . -37.27 -10.73 2.86
C23 HVH V . -37.53 -9.46 3.56
C20 HVH V . -39.29 -8.23 1.32
N5 HVH V . -40.06 -7.71 0.37
C9 HVH V . -39.77 -8.06 -0.88
N2 HVH V . -38.81 -8.91 -1.25
C10 HVH V . -40.53 -7.75 -3.23
C19 HVH V . -41.64 -7.42 -4.00
C18 HVH V . -41.58 -7.56 -5.37
C13 HVH V . -40.42 -8.00 -6.00
C14 HVH V . -40.43 -8.25 -7.50
C15 HVH V . -39.14 -8.77 -9.44
C16 HVH V . -38.24 -9.21 -7.26
C17 HVH V . -37.98 -8.62 -5.89
C12 HVH V . -39.28 -8.26 -5.24
C11 HVH V . -39.35 -8.15 -3.85
C1 EDO W . -47.14 -0.74 -5.40
O1 EDO W . -46.56 0.20 -6.31
C2 EDO W . -47.28 -0.05 -4.06
O2 EDO W . -48.60 -0.24 -3.55
C1 EDO X . -28.60 -18.92 3.39
O1 EDO X . -29.36 -17.83 3.95
C2 EDO X . -27.13 -18.72 3.71
O2 EDO X . -26.99 -18.32 5.07
C1 EDO Y . -38.31 -20.79 17.21
O1 EDO Y . -38.35 -21.58 16.03
C2 EDO Y . -39.72 -20.27 17.49
O2 EDO Y . -40.36 -21.09 18.47
C1 EDO Z . -30.64 -21.90 13.83
O1 EDO Z . -31.36 -21.86 12.59
C2 EDO Z . -30.04 -20.52 14.13
O2 EDO Z . -30.77 -19.91 15.20
#